data_5UP5
#
_entry.id   5UP5
#
_entity_poly.entity_id   1
_entity_poly.type   'polypeptide(L)'
_entity_poly.pdbx_seq_one_letter_code
;TQTQEFDNEEEARKAEKELRKENRRVTVTQENGRWRVTWD
;
_entity_poly.pdbx_strand_id   A
#
# COMPACT_ATOMS: atom_id res chain seq x y z
N THR A 1 -7.17 -10.09 3.04
CA THR A 1 -7.55 -8.67 3.23
C THR A 1 -6.93 -8.16 4.55
N GLN A 2 -6.00 -7.20 4.45
CA GLN A 2 -5.18 -6.73 5.57
C GLN A 2 -4.76 -5.26 5.32
N THR A 3 -5.26 -4.34 6.15
CA THR A 3 -4.96 -2.90 6.05
C THR A 3 -3.52 -2.61 6.53
N GLN A 4 -2.62 -2.27 5.60
CA GLN A 4 -1.25 -1.86 5.93
C GLN A 4 -1.03 -0.41 5.47
N GLU A 5 -0.86 0.50 6.44
CA GLU A 5 -0.53 1.90 6.16
C GLU A 5 0.99 2.03 5.99
N PHE A 6 1.41 2.98 5.18
CA PHE A 6 2.82 3.21 4.87
C PHE A 6 3.20 4.66 5.21
N ASP A 7 4.46 4.96 4.95
CA ASP A 7 5.05 6.30 5.09
C ASP A 7 4.47 7.28 4.05
N ASN A 8 4.81 8.57 4.24
CA ASN A 8 4.53 9.64 3.26
C ASN A 8 5.83 9.95 2.47
N GLU A 9 6.79 9.01 2.51
CA GLU A 9 8.03 9.05 1.70
C GLU A 9 7.75 8.48 0.28
N GLU A 10 6.48 8.03 0.06
CA GLU A 10 5.96 7.57 -1.23
C GLU A 10 6.41 6.10 -1.54
N GLU A 11 6.91 5.39 -0.50
CA GLU A 11 7.27 3.96 -0.60
C GLU A 11 6.01 3.06 -0.55
N ALA A 12 4.83 3.70 -0.39
CA ALA A 12 3.51 3.05 -0.59
C ALA A 12 3.27 2.75 -2.07
N ARG A 13 3.77 3.65 -2.93
CA ARG A 13 3.71 3.50 -4.40
C ARG A 13 4.70 2.43 -4.85
N LYS A 14 5.89 2.41 -4.20
CA LYS A 14 6.89 1.34 -4.36
C LYS A 14 6.28 -0.02 -3.95
N ALA A 15 5.54 0.01 -2.81
CA ALA A 15 4.88 -1.18 -2.25
C ALA A 15 3.77 -1.69 -3.17
N GLU A 16 3.08 -0.78 -3.87
CA GLU A 16 2.09 -1.14 -4.90
C GLU A 16 2.80 -1.93 -6.01
N LYS A 17 3.92 -1.38 -6.47
CA LYS A 17 4.71 -1.89 -7.60
C LYS A 17 5.49 -3.17 -7.24
N GLU A 18 5.74 -3.38 -5.93
CA GLU A 18 6.63 -4.46 -5.44
C GLU A 18 5.81 -5.68 -4.97
N LEU A 19 4.85 -5.43 -4.06
CA LEU A 19 4.06 -6.49 -3.40
C LEU A 19 3.10 -7.17 -4.39
N ARG A 20 2.73 -6.46 -5.48
CA ARG A 20 1.88 -7.03 -6.56
C ARG A 20 2.54 -8.26 -7.24
N LYS A 21 3.88 -8.32 -7.15
CA LYS A 21 4.71 -9.37 -7.79
C LYS A 21 4.80 -10.63 -6.91
N GLU A 22 4.14 -10.61 -5.74
CA GLU A 22 4.23 -11.71 -4.75
C GLU A 22 2.85 -11.94 -4.11
N ASN A 23 2.35 -10.91 -3.39
CA ASN A 23 1.01 -10.90 -2.77
C ASN A 23 -0.10 -10.98 -3.84
N ARG A 24 -1.29 -11.46 -3.39
CA ARG A 24 -2.50 -11.59 -4.24
C ARG A 24 -2.80 -10.29 -5.01
N ARG A 25 -3.18 -9.24 -4.27
CA ARG A 25 -3.36 -7.88 -4.82
C ARG A 25 -3.40 -6.88 -3.66
N VAL A 26 -2.74 -5.74 -3.86
CA VAL A 26 -2.73 -4.62 -2.92
C VAL A 26 -3.71 -3.54 -3.42
N THR A 27 -4.39 -2.84 -2.49
CA THR A 27 -5.31 -1.74 -2.81
C THR A 27 -4.83 -0.46 -2.13
N VAL A 28 -4.22 0.46 -2.91
CA VAL A 28 -3.72 1.76 -2.40
C VAL A 28 -4.89 2.75 -2.28
N THR A 29 -5.13 3.26 -1.05
CA THR A 29 -6.19 4.23 -0.76
C THR A 29 -5.68 5.31 0.22
N GLN A 30 -5.54 6.54 -0.30
CA GLN A 30 -5.25 7.74 0.50
C GLN A 30 -6.58 8.53 0.69
N GLU A 31 -7.52 7.90 1.42
CA GLU A 31 -8.92 8.36 1.63
C GLU A 31 -8.99 9.88 1.97
N ASN A 32 -8.25 10.27 3.00
CA ASN A 32 -8.18 11.66 3.48
C ASN A 32 -6.69 11.92 3.81
N GLY A 33 -5.84 11.61 2.82
CA GLY A 33 -4.41 11.39 3.06
C GLY A 33 -4.20 10.00 3.67
N ARG A 34 -3.01 9.77 4.24
CA ARG A 34 -2.64 8.52 4.94
C ARG A 34 -2.69 7.32 3.98
N TRP A 35 -1.51 6.94 3.46
CA TRP A 35 -1.35 5.88 2.45
C TRP A 35 -1.69 4.48 3.01
N ARG A 36 -3.00 4.17 3.06
CA ARG A 36 -3.51 2.88 3.57
C ARG A 36 -3.67 1.90 2.39
N VAL A 37 -2.66 1.06 2.22
CA VAL A 37 -2.62 0.03 1.17
C VAL A 37 -3.07 -1.33 1.74
N THR A 38 -4.34 -1.68 1.49
CA THR A 38 -4.94 -2.94 1.96
C THR A 38 -4.58 -4.09 1.01
N TRP A 39 -3.63 -4.94 1.43
CA TRP A 39 -3.20 -6.12 0.67
C TRP A 39 -4.00 -7.35 1.09
N ASP A 40 -4.25 -8.25 0.14
CA ASP A 40 -5.09 -9.43 0.40
C ASP A 40 -4.23 -10.58 0.98
N THR A 1 -0.75 -4.52 11.23
CA THR A 1 0.19 -5.44 10.57
C THR A 1 -0.13 -5.49 9.07
N GLN A 2 -1.27 -6.15 8.69
CA GLN A 2 -1.71 -6.21 7.28
C GLN A 2 -2.11 -4.79 6.79
N THR A 3 -2.69 -3.99 7.69
CA THR A 3 -3.02 -2.59 7.44
C THR A 3 -1.84 -1.67 7.82
N GLN A 4 -0.98 -1.35 6.85
CA GLN A 4 0.18 -0.46 7.07
C GLN A 4 -0.11 0.91 6.47
N GLU A 5 -0.19 1.95 7.32
CA GLU A 5 -0.45 3.33 6.89
C GLU A 5 0.88 4.00 6.50
N PHE A 6 1.17 3.94 5.20
CA PHE A 6 2.33 4.62 4.61
C PHE A 6 2.03 6.11 4.45
N ASP A 7 3.10 6.91 4.53
CA ASP A 7 3.05 8.36 4.36
C ASP A 7 3.37 8.69 2.89
N ASN A 8 3.54 9.98 2.57
CA ASN A 8 3.95 10.45 1.20
C ASN A 8 5.45 10.21 0.90
N GLU A 9 6.08 9.27 1.65
CA GLU A 9 7.50 8.88 1.48
C GLU A 9 7.70 7.91 0.29
N GLU A 10 6.60 7.63 -0.45
CA GLU A 10 6.58 6.79 -1.68
C GLU A 10 6.86 5.29 -1.34
N GLU A 11 6.82 4.95 -0.03
CA GLU A 11 6.99 3.58 0.46
C GLU A 11 5.74 2.73 0.14
N ALA A 12 4.60 3.43 -0.01
CA ALA A 12 3.32 2.84 -0.48
C ALA A 12 3.48 2.26 -1.90
N ARG A 13 4.11 3.07 -2.77
CA ARG A 13 4.32 2.75 -4.19
C ARG A 13 5.48 1.77 -4.39
N LYS A 14 6.41 1.75 -3.41
CA LYS A 14 7.54 0.80 -3.40
C LYS A 14 7.05 -0.61 -3.04
N ALA A 15 6.21 -0.69 -1.99
CA ALA A 15 5.57 -1.95 -1.54
C ALA A 15 4.69 -2.52 -2.67
N GLU A 16 3.86 -1.63 -3.24
CA GLU A 16 3.01 -1.90 -4.42
C GLU A 16 3.82 -2.53 -5.58
N LYS A 17 5.04 -1.98 -5.81
CA LYS A 17 5.89 -2.33 -6.97
C LYS A 17 6.46 -3.76 -6.88
N GLU A 18 6.59 -4.30 -5.67
CA GLU A 18 7.13 -5.65 -5.43
C GLU A 18 5.99 -6.68 -5.23
N LEU A 19 4.95 -6.26 -4.47
CA LEU A 19 3.84 -7.14 -4.07
C LEU A 19 2.88 -7.41 -5.25
N ARG A 20 2.90 -6.52 -6.27
CA ARG A 20 2.15 -6.72 -7.53
C ARG A 20 2.68 -7.96 -8.30
N LYS A 21 3.99 -8.22 -8.16
CA LYS A 21 4.68 -9.36 -8.79
C LYS A 21 4.26 -10.67 -8.10
N GLU A 22 4.28 -10.65 -6.76
CA GLU A 22 4.00 -11.82 -5.92
C GLU A 22 2.51 -12.18 -5.95
N ASN A 23 1.68 -11.30 -5.36
CA ASN A 23 0.22 -11.47 -5.28
C ASN A 23 -0.39 -10.09 -5.00
N ARG A 24 -1.16 -9.58 -5.97
CA ARG A 24 -1.55 -8.15 -6.05
C ARG A 24 -2.73 -7.77 -5.11
N ARG A 25 -2.90 -8.52 -4.00
CA ARG A 25 -3.93 -8.27 -2.99
C ARG A 25 -3.47 -7.18 -1.99
N VAL A 26 -3.17 -5.98 -2.53
CA VAL A 26 -2.79 -4.80 -1.75
C VAL A 26 -3.78 -3.65 -2.02
N THR A 27 -4.71 -3.42 -1.08
CA THR A 27 -5.69 -2.33 -1.15
C THR A 27 -5.07 -1.07 -0.50
N VAL A 28 -4.64 -0.12 -1.35
CA VAL A 28 -4.12 1.18 -0.89
C VAL A 28 -5.29 2.13 -0.64
N THR A 29 -5.27 2.83 0.51
CA THR A 29 -6.29 3.82 0.87
C THR A 29 -5.97 5.14 0.17
N GLN A 30 -7.01 5.88 -0.20
CA GLN A 30 -6.89 7.19 -0.87
C GLN A 30 -6.24 8.26 0.04
N GLU A 31 -6.08 9.50 -0.48
CA GLU A 31 -5.46 10.63 0.28
C GLU A 31 -6.30 11.07 1.50
N ASN A 32 -7.48 10.44 1.70
CA ASN A 32 -8.26 10.54 2.94
C ASN A 32 -7.41 10.03 4.13
N GLY A 33 -6.75 10.98 4.81
CA GLY A 33 -5.80 10.67 5.88
C GLY A 33 -4.41 10.43 5.31
N ARG A 34 -4.02 9.14 5.18
CA ARG A 34 -2.69 8.72 4.64
C ARG A 34 -2.86 7.42 3.81
N TRP A 35 -1.82 7.06 3.03
CA TRP A 35 -1.86 5.95 2.06
C TRP A 35 -1.69 4.59 2.75
N ARG A 36 -2.78 4.07 3.34
CA ARG A 36 -2.75 2.78 4.05
C ARG A 36 -2.87 1.60 3.07
N VAL A 37 -1.71 1.03 2.69
CA VAL A 37 -1.65 -0.17 1.85
C VAL A 37 -1.89 -1.40 2.73
N THR A 38 -3.11 -1.93 2.65
CA THR A 38 -3.51 -3.16 3.32
C THR A 38 -3.16 -4.36 2.43
N TRP A 39 -2.06 -5.06 2.78
CA TRP A 39 -1.66 -6.30 2.12
C TRP A 39 -2.46 -7.47 2.76
N ASP A 40 -3.62 -7.75 2.15
CA ASP A 40 -4.60 -8.72 2.67
C ASP A 40 -4.19 -10.15 2.26
N THR A 1 -3.75 -7.63 10.95
CA THR A 1 -4.37 -6.57 10.12
C THR A 1 -3.85 -6.68 8.68
N GLN A 2 -4.78 -6.94 7.73
CA GLN A 2 -4.45 -7.11 6.29
C GLN A 2 -4.44 -5.76 5.53
N THR A 3 -4.26 -4.65 6.25
CA THR A 3 -4.07 -3.33 5.65
C THR A 3 -2.97 -2.58 6.42
N GLN A 4 -1.91 -2.18 5.69
CA GLN A 4 -0.76 -1.48 6.28
C GLN A 4 -0.77 -0.01 5.85
N GLU A 5 -0.67 0.90 6.83
CA GLU A 5 -0.70 2.36 6.58
C GLU A 5 0.71 2.86 6.22
N PHE A 6 0.77 3.82 5.30
CA PHE A 6 2.01 4.43 4.82
C PHE A 6 1.85 5.96 4.78
N ASP A 7 2.93 6.65 4.36
CA ASP A 7 2.99 8.14 4.33
C ASP A 7 3.36 8.64 2.91
N ASN A 8 3.57 9.98 2.80
CA ASN A 8 3.70 10.69 1.50
C ASN A 8 5.08 10.46 0.84
N GLU A 9 6.10 9.98 1.59
CA GLU A 9 7.43 9.63 1.00
C GLU A 9 7.36 8.36 0.13
N GLU A 10 6.12 7.83 -0.04
CA GLU A 10 5.75 6.83 -1.05
C GLU A 10 6.31 5.44 -0.69
N GLU A 11 6.34 5.18 0.62
CA GLU A 11 6.61 3.85 1.20
C GLU A 11 5.56 2.83 0.70
N ALA A 12 4.36 3.36 0.41
CA ALA A 12 3.24 2.63 -0.17
C ALA A 12 3.64 1.95 -1.48
N ARG A 13 4.08 2.75 -2.47
CA ARG A 13 4.39 2.26 -3.83
C ARG A 13 5.80 1.68 -3.93
N LYS A 14 6.62 1.83 -2.87
CA LYS A 14 7.91 1.11 -2.77
C LYS A 14 7.63 -0.40 -2.61
N ALA A 15 6.71 -0.71 -1.67
CA ALA A 15 6.26 -2.09 -1.40
C ALA A 15 5.34 -2.59 -2.53
N GLU A 16 4.34 -1.75 -2.89
CA GLU A 16 3.27 -2.07 -3.85
C GLU A 16 3.86 -2.51 -5.20
N LYS A 17 4.87 -1.75 -5.69
CA LYS A 17 5.54 -1.97 -7.01
C LYS A 17 5.97 -3.45 -7.20
N GLU A 18 6.44 -4.06 -6.11
CA GLU A 18 6.86 -5.48 -6.08
C GLU A 18 5.63 -6.39 -5.92
N LEU A 19 4.73 -6.00 -4.99
CA LEU A 19 3.55 -6.80 -4.59
C LEU A 19 2.45 -6.84 -5.68
N ARG A 20 2.55 -5.97 -6.71
CA ARG A 20 1.63 -5.96 -7.87
C ARG A 20 1.82 -7.25 -8.68
N LYS A 21 3.08 -7.73 -8.75
CA LYS A 21 3.44 -8.99 -9.40
C LYS A 21 3.25 -10.15 -8.40
N GLU A 22 3.74 -9.94 -7.16
CA GLU A 22 3.71 -10.93 -6.07
C GLU A 22 2.22 -11.29 -5.73
N ASN A 23 1.99 -12.53 -5.24
CA ASN A 23 0.64 -13.09 -4.97
C ASN A 23 -0.23 -12.21 -4.03
N ARG A 24 0.42 -11.31 -3.26
CA ARG A 24 -0.27 -10.32 -2.41
C ARG A 24 -1.06 -9.32 -3.28
N ARG A 25 -2.39 -9.25 -3.07
CA ARG A 25 -3.23 -8.18 -3.60
C ARG A 25 -2.79 -6.84 -2.98
N VAL A 26 -2.81 -5.78 -3.78
CA VAL A 26 -2.57 -4.39 -3.32
C VAL A 26 -3.69 -3.48 -3.82
N THR A 27 -4.50 -2.97 -2.88
CA THR A 27 -5.55 -2.00 -3.15
C THR A 27 -5.44 -0.87 -2.11
N VAL A 28 -4.92 0.29 -2.53
CA VAL A 28 -4.71 1.42 -1.62
C VAL A 28 -6.02 2.20 -1.44
N THR A 29 -6.48 2.28 -0.19
CA THR A 29 -7.66 3.06 0.18
C THR A 29 -7.28 4.55 0.15
N GLN A 30 -7.74 5.24 -0.90
CA GLN A 30 -7.55 6.68 -1.08
C GLN A 30 -8.08 7.45 0.17
N GLU A 31 -7.13 7.91 1.00
CA GLU A 31 -7.41 8.71 2.19
C GLU A 31 -6.27 9.70 2.37
N ASN A 32 -6.53 10.97 1.97
CA ASN A 32 -5.54 12.06 1.99
C ASN A 32 -4.92 12.23 3.39
N GLY A 33 -3.58 12.34 3.45
CA GLY A 33 -2.85 12.44 4.70
C GLY A 33 -2.01 11.20 4.93
N ARG A 34 -2.67 10.11 5.34
CA ARG A 34 -2.02 8.81 5.61
C ARG A 34 -2.80 7.69 4.89
N TRP A 35 -2.31 7.35 3.69
CA TRP A 35 -2.94 6.35 2.79
C TRP A 35 -2.52 4.94 3.23
N ARG A 36 -3.50 4.06 3.49
CA ARG A 36 -3.22 2.65 3.83
C ARG A 36 -3.49 1.75 2.62
N VAL A 37 -2.52 0.88 2.33
CA VAL A 37 -2.63 -0.12 1.25
C VAL A 37 -3.27 -1.38 1.85
N THR A 38 -4.54 -1.62 1.47
CA THR A 38 -5.28 -2.81 1.88
C THR A 38 -4.81 -3.99 1.01
N TRP A 39 -3.99 -4.86 1.62
CA TRP A 39 -3.39 -6.01 0.94
C TRP A 39 -4.12 -7.30 1.34
N ASP A 40 -3.78 -8.41 0.65
CA ASP A 40 -4.47 -9.70 0.87
C ASP A 40 -3.54 -10.84 0.41
N THR A 1 -5.59 -9.73 5.64
CA THR A 1 -5.85 -8.29 5.49
C THR A 1 -4.71 -7.49 6.15
N GLN A 2 -3.60 -7.31 5.42
CA GLN A 2 -2.42 -6.58 5.91
C GLN A 2 -2.63 -5.07 5.69
N THR A 3 -3.27 -4.43 6.67
CA THR A 3 -3.51 -2.98 6.66
C THR A 3 -2.24 -2.25 7.15
N GLN A 4 -1.43 -1.78 6.19
CA GLN A 4 -0.21 -1.01 6.46
C GLN A 4 -0.37 0.41 5.87
N GLU A 5 -0.46 1.42 6.74
CA GLU A 5 -0.60 2.83 6.32
C GLU A 5 0.78 3.44 6.04
N PHE A 6 0.93 3.97 4.82
CA PHE A 6 2.15 4.64 4.37
C PHE A 6 1.84 6.11 4.05
N ASP A 7 2.88 6.94 4.09
CA ASP A 7 2.82 8.32 3.60
C ASP A 7 3.07 8.33 2.08
N ASN A 8 2.94 9.49 1.43
CA ASN A 8 3.17 9.63 -0.02
C ASN A 8 4.68 9.88 -0.31
N GLU A 9 5.55 9.20 0.47
CA GLU A 9 7.01 9.23 0.29
C GLU A 9 7.45 8.13 -0.69
N GLU A 10 6.47 7.66 -1.52
CA GLU A 10 6.62 6.55 -2.47
C GLU A 10 6.83 5.19 -1.73
N GLU A 11 6.54 5.18 -0.41
CA GLU A 11 6.64 3.98 0.46
C GLU A 11 5.53 2.98 0.14
N ALA A 12 4.37 3.53 -0.26
CA ALA A 12 3.22 2.74 -0.69
C ALA A 12 3.52 2.01 -2.00
N ARG A 13 4.29 2.70 -2.88
CA ARG A 13 4.70 2.19 -4.21
C ARG A 13 5.88 1.22 -4.08
N LYS A 14 6.71 1.45 -3.06
CA LYS A 14 7.85 0.60 -2.70
C LYS A 14 7.36 -0.77 -2.23
N ALA A 15 6.35 -0.75 -1.33
CA ALA A 15 5.66 -1.98 -0.88
C ALA A 15 4.98 -2.67 -2.08
N GLU A 16 4.26 -1.86 -2.87
CA GLU A 16 3.54 -2.31 -4.06
C GLU A 16 4.47 -3.00 -5.09
N LYS A 17 5.73 -2.54 -5.17
CA LYS A 17 6.75 -3.12 -6.09
C LYS A 17 6.94 -4.62 -5.82
N GLU A 18 7.00 -4.96 -4.52
CA GLU A 18 7.15 -6.35 -4.05
C GLU A 18 5.87 -7.14 -4.34
N LEU A 19 4.73 -6.55 -3.98
CA LEU A 19 3.40 -7.16 -4.11
C LEU A 19 3.03 -7.45 -5.58
N ARG A 20 3.41 -6.56 -6.50
CA ARG A 20 3.10 -6.71 -7.95
C ARG A 20 3.78 -7.96 -8.54
N LYS A 21 4.97 -8.29 -8.00
CA LYS A 21 5.70 -9.50 -8.37
C LYS A 21 5.08 -10.73 -7.66
N GLU A 22 4.74 -10.56 -6.36
CA GLU A 22 4.26 -11.64 -5.49
C GLU A 22 2.73 -11.82 -5.61
N ASN A 23 1.97 -11.06 -4.79
CA ASN A 23 0.50 -11.17 -4.70
C ASN A 23 -0.12 -9.79 -4.96
N ARG A 24 -0.81 -9.63 -6.10
CA ARG A 24 -1.32 -8.31 -6.57
C ARG A 24 -2.64 -7.88 -5.89
N ARG A 25 -2.89 -8.35 -4.65
CA ARG A 25 -4.11 -7.98 -3.89
C ARG A 25 -3.85 -6.67 -3.12
N VAL A 26 -3.64 -5.56 -3.86
CA VAL A 26 -3.27 -4.25 -3.28
C VAL A 26 -4.42 -3.25 -3.48
N THR A 27 -4.88 -2.65 -2.38
CA THR A 27 -5.87 -1.55 -2.40
C THR A 27 -5.42 -0.43 -1.44
N VAL A 28 -4.94 0.69 -2.02
CA VAL A 28 -4.60 1.90 -1.25
C VAL A 28 -5.87 2.77 -1.08
N THR A 29 -6.71 2.40 -0.11
CA THR A 29 -7.97 3.09 0.18
C THR A 29 -7.68 4.47 0.85
N GLN A 30 -7.57 5.51 0.00
CA GLN A 30 -7.20 6.87 0.43
C GLN A 30 -8.30 7.52 1.29
N GLU A 31 -7.89 8.52 2.08
CA GLU A 31 -8.82 9.31 2.90
C GLU A 31 -8.27 10.74 3.01
N ASN A 32 -7.17 10.87 3.78
CA ASN A 32 -6.54 12.16 4.11
C ASN A 32 -5.22 11.90 4.87
N GLY A 33 -4.10 12.30 4.26
CA GLY A 33 -2.78 12.23 4.89
C GLY A 33 -2.18 10.83 4.83
N ARG A 34 -2.77 9.90 5.61
CA ARG A 34 -2.32 8.51 5.71
C ARG A 34 -2.93 7.69 4.55
N TRP A 35 -2.08 7.27 3.61
CA TRP A 35 -2.46 6.37 2.50
C TRP A 35 -2.46 4.94 3.03
N ARG A 36 -3.61 4.50 3.57
CA ARG A 36 -3.74 3.20 4.22
C ARG A 36 -3.85 2.08 3.17
N VAL A 37 -2.71 1.47 2.87
CA VAL A 37 -2.58 0.42 1.86
C VAL A 37 -2.95 -0.93 2.49
N THR A 38 -4.15 -1.42 2.15
CA THR A 38 -4.63 -2.73 2.56
C THR A 38 -4.25 -3.73 1.47
N TRP A 39 -3.26 -4.59 1.77
CA TRP A 39 -2.73 -5.54 0.78
C TRP A 39 -2.72 -6.94 1.38
N ASP A 40 -2.61 -7.95 0.49
CA ASP A 40 -2.54 -9.37 0.88
C ASP A 40 -1.51 -10.06 -0.02
N THR A 1 -1.21 -5.77 10.05
CA THR A 1 -1.77 -4.64 9.30
C THR A 1 -2.38 -5.13 7.97
N GLN A 2 -3.72 -5.26 7.93
CA GLN A 2 -4.47 -5.56 6.68
C GLN A 2 -4.41 -4.35 5.72
N THR A 3 -4.28 -3.16 6.33
CA THR A 3 -4.02 -1.90 5.63
C THR A 3 -2.76 -1.27 6.25
N GLN A 4 -1.63 -1.41 5.55
CA GLN A 4 -0.35 -0.88 6.02
C GLN A 4 -0.20 0.58 5.55
N GLU A 5 -0.09 1.50 6.51
CA GLU A 5 0.02 2.94 6.23
C GLU A 5 1.49 3.29 5.95
N PHE A 6 1.72 3.85 4.77
CA PHE A 6 3.03 4.33 4.32
C PHE A 6 2.99 5.87 4.20
N ASP A 7 4.18 6.49 4.26
CA ASP A 7 4.33 7.93 3.99
C ASP A 7 4.30 8.20 2.49
N ASN A 8 3.97 9.46 2.13
CA ASN A 8 3.88 9.91 0.72
C ASN A 8 5.29 10.26 0.14
N GLU A 9 6.35 9.71 0.75
CA GLU A 9 7.74 9.85 0.29
C GLU A 9 8.13 8.60 -0.56
N GLU A 10 7.14 8.13 -1.36
CA GLU A 10 7.26 7.00 -2.31
C GLU A 10 7.33 5.63 -1.59
N GLU A 11 7.04 5.59 -0.27
CA GLU A 11 7.07 4.34 0.52
C GLU A 11 5.95 3.38 0.08
N ALA A 12 4.78 3.98 -0.25
CA ALA A 12 3.59 3.24 -0.69
C ALA A 12 3.86 2.50 -2.00
N ARG A 13 4.54 3.20 -2.93
CA ARG A 13 4.84 2.71 -4.29
C ARG A 13 6.05 1.73 -4.26
N LYS A 14 6.97 1.98 -3.32
CA LYS A 14 8.20 1.18 -3.14
C LYS A 14 7.88 -0.23 -2.64
N ALA A 15 6.85 -0.34 -1.80
CA ALA A 15 6.34 -1.63 -1.31
C ALA A 15 5.40 -2.28 -2.34
N GLU A 16 4.62 -1.42 -3.03
CA GLU A 16 3.59 -1.81 -4.01
C GLU A 16 4.14 -2.76 -5.11
N LYS A 17 5.32 -2.42 -5.64
CA LYS A 17 6.00 -3.22 -6.69
C LYS A 17 6.31 -4.66 -6.22
N GLU A 18 6.61 -4.81 -4.92
CA GLU A 18 7.01 -6.10 -4.35
C GLU A 18 5.77 -6.94 -3.98
N LEU A 19 4.74 -6.26 -3.44
CA LEU A 19 3.47 -6.90 -3.01
C LEU A 19 2.74 -7.55 -4.21
N ARG A 20 2.80 -6.87 -5.37
CA ARG A 20 2.11 -7.30 -6.61
C ARG A 20 2.94 -8.33 -7.41
N LYS A 21 4.21 -8.59 -7.00
CA LYS A 21 5.07 -9.63 -7.62
C LYS A 21 4.38 -11.01 -7.51
N GLU A 22 3.80 -11.28 -6.32
CA GLU A 22 2.87 -12.41 -6.11
C GLU A 22 1.44 -11.83 -6.03
N ASN A 23 0.39 -12.69 -6.06
CA ASN A 23 -1.02 -12.22 -6.14
C ASN A 23 -1.52 -11.61 -4.81
N ARG A 24 -1.12 -10.36 -4.54
CA ARG A 24 -1.69 -9.51 -3.48
C ARG A 24 -2.14 -8.20 -4.14
N ARG A 25 -3.45 -8.11 -4.44
CA ARG A 25 -4.07 -6.89 -4.96
C ARG A 25 -3.93 -5.79 -3.90
N VAL A 26 -3.29 -4.69 -4.25
CA VAL A 26 -3.13 -3.53 -3.33
C VAL A 26 -4.03 -2.37 -3.77
N THR A 27 -4.65 -1.71 -2.79
CA THR A 27 -5.45 -0.49 -2.98
C THR A 27 -5.07 0.52 -1.90
N VAL A 28 -4.34 1.58 -2.32
CA VAL A 28 -3.88 2.63 -1.43
C VAL A 28 -4.97 3.70 -1.27
N THR A 29 -5.78 3.56 -0.20
CA THR A 29 -6.89 4.47 0.10
C THR A 29 -6.38 5.69 0.87
N GLN A 30 -5.76 6.62 0.12
CA GLN A 30 -5.36 7.95 0.61
C GLN A 30 -6.60 8.85 0.91
N GLU A 31 -7.79 8.38 0.45
CA GLU A 31 -9.10 8.98 0.76
C GLU A 31 -9.32 9.04 2.29
N ASN A 32 -8.87 7.98 3.00
CA ASN A 32 -8.96 7.87 4.47
C ASN A 32 -7.60 8.20 5.10
N GLY A 33 -7.44 9.44 5.60
CA GLY A 33 -6.28 9.85 6.40
C GLY A 33 -5.01 10.09 5.58
N ARG A 34 -4.35 8.99 5.19
CA ARG A 34 -3.06 9.02 4.48
C ARG A 34 -2.94 7.81 3.51
N TRP A 35 -1.77 7.66 2.87
CA TRP A 35 -1.52 6.61 1.88
C TRP A 35 -1.40 5.22 2.55
N ARG A 36 -2.57 4.64 2.89
CA ARG A 36 -2.68 3.33 3.55
C ARG A 36 -3.05 2.25 2.52
N VAL A 37 -2.05 1.43 2.19
CA VAL A 37 -2.15 0.34 1.22
C VAL A 37 -2.90 -0.86 1.84
N THR A 38 -4.21 -0.93 1.55
CA THR A 38 -5.06 -2.06 1.95
C THR A 38 -4.91 -3.19 0.92
N TRP A 39 -4.36 -4.34 1.35
CA TRP A 39 -4.07 -5.48 0.45
C TRP A 39 -5.10 -6.61 0.65
N ASP A 40 -5.61 -7.15 -0.48
CA ASP A 40 -6.40 -8.40 -0.52
C ASP A 40 -5.44 -9.59 -0.35
N THR A 1 -0.24 -5.55 11.25
CA THR A 1 -0.77 -4.32 10.65
C THR A 1 -0.94 -4.51 9.13
N GLN A 2 -2.10 -5.09 8.75
CA GLN A 2 -2.47 -5.29 7.33
C GLN A 2 -2.98 -3.98 6.71
N THR A 3 -3.55 -3.12 7.56
CA THR A 3 -3.85 -1.72 7.20
C THR A 3 -2.66 -0.86 7.68
N GLN A 4 -1.71 -0.61 6.77
CA GLN A 4 -0.44 0.05 7.08
C GLN A 4 -0.36 1.40 6.35
N GLU A 5 -0.09 2.47 7.13
CA GLU A 5 0.01 3.85 6.59
C GLU A 5 1.43 4.12 6.07
N PHE A 6 1.49 4.78 4.90
CA PHE A 6 2.72 5.08 4.17
C PHE A 6 2.75 6.57 3.83
N ASP A 7 3.88 7.25 4.13
CA ASP A 7 3.96 8.73 4.11
C ASP A 7 4.93 9.23 3.03
N ASN A 8 4.43 9.24 1.78
CA ASN A 8 4.99 10.02 0.62
C ASN A 8 6.36 9.54 0.09
N GLU A 9 7.10 8.69 0.84
CA GLU A 9 8.49 8.31 0.48
C GLU A 9 8.53 7.04 -0.41
N GLU A 10 7.49 6.88 -1.27
CA GLU A 10 7.35 5.72 -2.18
C GLU A 10 7.21 4.38 -1.39
N GLU A 11 6.85 4.50 -0.10
CA GLU A 11 6.76 3.38 0.85
C GLU A 11 5.68 2.36 0.43
N ALA A 12 4.54 2.89 -0.04
CA ALA A 12 3.40 2.08 -0.54
C ALA A 12 3.80 1.33 -1.83
N ARG A 13 4.50 2.07 -2.71
CA ARG A 13 4.92 1.57 -4.03
C ARG A 13 6.14 0.65 -3.91
N LYS A 14 6.78 0.63 -2.72
CA LYS A 14 7.89 -0.28 -2.37
C LYS A 14 7.33 -1.68 -2.03
N ALA A 15 6.21 -1.69 -1.30
CA ALA A 15 5.44 -2.92 -1.02
C ALA A 15 4.90 -3.50 -2.34
N GLU A 16 4.38 -2.59 -3.19
CA GLU A 16 3.86 -2.93 -4.52
C GLU A 16 5.01 -3.38 -5.46
N LYS A 17 6.22 -2.80 -5.28
CA LYS A 17 7.41 -3.06 -6.14
C LYS A 17 7.74 -4.57 -6.22
N GLU A 18 7.52 -5.27 -5.12
CA GLU A 18 7.73 -6.72 -5.03
C GLU A 18 6.47 -7.48 -5.45
N LEU A 19 5.32 -7.07 -4.87
CA LEU A 19 4.03 -7.79 -5.01
C LEU A 19 3.43 -7.68 -6.43
N ARG A 20 3.90 -6.71 -7.23
CA ARG A 20 3.40 -6.45 -8.61
C ARG A 20 3.65 -7.65 -9.55
N LYS A 21 4.60 -8.52 -9.17
CA LYS A 21 4.84 -9.79 -9.85
C LYS A 21 3.75 -10.81 -9.40
N GLU A 22 3.63 -11.02 -8.07
CA GLU A 22 2.67 -11.98 -7.49
C GLU A 22 2.27 -11.52 -6.08
N ASN A 23 0.99 -11.80 -5.73
CA ASN A 23 0.38 -11.44 -4.43
C ASN A 23 0.16 -9.91 -4.30
N ARG A 24 -0.11 -9.23 -5.43
CA ARG A 24 -0.46 -7.79 -5.43
C ARG A 24 -1.90 -7.63 -4.96
N ARG A 25 -2.08 -7.67 -3.64
CA ARG A 25 -3.38 -7.45 -2.99
C ARG A 25 -3.24 -6.21 -2.11
N VAL A 26 -2.80 -5.12 -2.74
CA VAL A 26 -2.58 -3.82 -2.08
C VAL A 26 -3.61 -2.83 -2.64
N THR A 27 -4.36 -2.19 -1.74
CA THR A 27 -5.35 -1.16 -2.11
C THR A 27 -5.20 0.03 -1.17
N VAL A 28 -4.89 1.22 -1.74
CA VAL A 28 -4.83 2.46 -0.95
C VAL A 28 -6.26 2.87 -0.53
N THR A 29 -6.42 3.06 0.77
CA THR A 29 -7.66 3.56 1.36
C THR A 29 -7.84 5.04 0.96
N GLN A 30 -8.83 5.27 0.07
CA GLN A 30 -9.18 6.61 -0.41
C GLN A 30 -9.79 7.43 0.75
N GLU A 31 -8.91 8.11 1.49
CA GLU A 31 -9.27 8.93 2.66
C GLU A 31 -8.65 10.32 2.52
N ASN A 32 -9.43 11.35 2.85
CA ASN A 32 -8.94 12.74 2.93
C ASN A 32 -8.28 12.95 4.31
N GLY A 33 -7.05 12.43 4.45
CA GLY A 33 -6.32 12.52 5.71
C GLY A 33 -4.99 11.79 5.66
N ARG A 34 -5.04 10.45 5.66
CA ARG A 34 -3.84 9.61 5.70
C ARG A 34 -3.87 8.58 4.55
N TRP A 35 -2.74 8.49 3.83
CA TRP A 35 -2.56 7.53 2.72
C TRP A 35 -2.17 6.16 3.28
N ARG A 36 -3.19 5.44 3.75
CA ARG A 36 -3.06 4.07 4.28
C ARG A 36 -3.33 3.07 3.17
N VAL A 37 -2.71 1.88 3.24
CA VAL A 37 -2.86 0.81 2.24
C VAL A 37 -3.19 -0.52 2.95
N THR A 38 -4.34 -1.08 2.56
CA THR A 38 -4.80 -2.39 3.02
C THR A 38 -4.21 -3.48 2.11
N TRP A 39 -3.24 -4.25 2.63
CA TRP A 39 -2.68 -5.41 1.93
C TRP A 39 -3.24 -6.72 2.55
N ASP A 40 -3.63 -7.67 1.69
CA ASP A 40 -4.19 -8.98 2.11
C ASP A 40 -3.26 -10.10 1.57
N THR A 1 0.26 -8.73 8.67
CA THR A 1 -0.12 -7.31 8.49
C THR A 1 -0.66 -7.08 7.08
N GLN A 2 -1.97 -7.29 6.93
CA GLN A 2 -2.69 -7.16 5.64
C GLN A 2 -3.11 -5.69 5.40
N THR A 3 -2.57 -4.77 6.21
CA THR A 3 -2.81 -3.33 6.07
C THR A 3 -1.73 -2.56 6.85
N GLN A 4 -1.11 -1.55 6.20
CA GLN A 4 -0.07 -0.72 6.82
C GLN A 4 -0.17 0.73 6.32
N GLU A 5 -0.01 1.70 7.23
CA GLU A 5 -0.08 3.14 6.92
C GLU A 5 1.28 3.64 6.40
N PHE A 6 1.20 4.61 5.48
CA PHE A 6 2.35 5.27 4.83
C PHE A 6 1.98 6.76 4.64
N ASP A 7 2.89 7.50 4.00
CA ASP A 7 2.68 8.92 3.62
C ASP A 7 2.77 9.04 2.09
N ASN A 8 2.92 10.28 1.56
CA ASN A 8 2.92 10.54 0.11
C ASN A 8 4.37 10.72 -0.42
N GLU A 9 5.34 9.99 0.18
CA GLU A 9 6.74 9.97 -0.31
C GLU A 9 6.96 8.80 -1.32
N GLU A 10 5.85 8.08 -1.63
CA GLU A 10 5.84 6.96 -2.62
C GLU A 10 6.57 5.71 -2.03
N GLU A 11 6.70 5.67 -0.69
CA GLU A 11 7.33 4.55 0.06
C GLU A 11 6.44 3.29 0.05
N ALA A 12 5.12 3.52 -0.11
CA ALA A 12 4.11 2.44 -0.23
C ALA A 12 4.33 1.61 -1.50
N ARG A 13 4.86 2.28 -2.54
CA ARG A 13 5.10 1.67 -3.87
C ARG A 13 6.33 0.76 -3.86
N LYS A 14 7.25 1.00 -2.90
CA LYS A 14 8.39 0.10 -2.62
C LYS A 14 7.86 -1.27 -2.14
N ALA A 15 6.93 -1.21 -1.17
CA ALA A 15 6.24 -2.40 -0.64
C ALA A 15 5.37 -3.07 -1.73
N GLU A 16 4.72 -2.22 -2.53
CA GLU A 16 3.80 -2.64 -3.61
C GLU A 16 4.54 -3.38 -4.73
N LYS A 17 5.84 -3.05 -4.94
CA LYS A 17 6.69 -3.67 -5.97
C LYS A 17 6.86 -5.18 -5.72
N GLU A 18 6.96 -5.55 -4.43
CA GLU A 18 6.98 -6.95 -3.99
C GLU A 18 5.65 -7.63 -4.37
N LEU A 19 4.55 -6.91 -4.08
CA LEU A 19 3.16 -7.35 -4.32
C LEU A 19 2.84 -7.42 -5.83
N ARG A 20 3.64 -6.73 -6.67
CA ARG A 20 3.54 -6.82 -8.15
C ARG A 20 4.04 -8.20 -8.61
N LYS A 21 5.20 -8.60 -8.07
CA LYS A 21 5.85 -9.89 -8.35
C LYS A 21 4.99 -11.06 -7.82
N GLU A 22 4.44 -10.85 -6.62
CA GLU A 22 3.49 -11.75 -5.96
C GLU A 22 2.14 -11.81 -6.74
N ASN A 23 1.81 -10.67 -7.40
CA ASN A 23 0.51 -10.42 -8.05
C ASN A 23 -0.63 -10.49 -7.01
N ARG A 24 -0.75 -9.39 -6.23
CA ARG A 24 -1.73 -9.26 -5.13
C ARG A 24 -2.59 -8.01 -5.33
N ARG A 25 -3.78 -8.01 -4.71
CA ARG A 25 -4.74 -6.90 -4.76
C ARG A 25 -4.33 -5.81 -3.75
N VAL A 26 -3.83 -4.67 -4.26
CA VAL A 26 -3.46 -3.48 -3.46
C VAL A 26 -4.62 -2.46 -3.45
N THR A 27 -5.07 -2.08 -2.25
CA THR A 27 -6.21 -1.12 -2.07
C THR A 27 -5.87 -0.09 -0.98
N VAL A 28 -5.76 1.19 -1.34
CA VAL A 28 -5.49 2.25 -0.37
C VAL A 28 -6.77 2.62 0.43
N THR A 29 -6.73 2.37 1.73
CA THR A 29 -7.66 2.94 2.71
C THR A 29 -7.12 4.32 3.12
N GLN A 30 -7.99 5.34 3.14
CA GLN A 30 -7.65 6.74 3.49
C GLN A 30 -6.66 7.34 2.46
N GLU A 31 -7.24 7.85 1.35
CA GLU A 31 -6.48 8.37 0.20
C GLU A 31 -6.17 9.88 0.38
N ASN A 32 -6.96 10.57 1.24
CA ASN A 32 -6.81 12.03 1.49
C ASN A 32 -5.68 12.32 2.51
N GLY A 33 -5.06 11.25 3.02
CA GLY A 33 -4.11 11.28 4.12
C GLY A 33 -4.29 10.04 4.96
N ARG A 34 -3.24 9.63 5.72
CA ARG A 34 -3.19 8.33 6.43
C ARG A 34 -3.16 7.19 5.39
N TRP A 35 -2.33 7.37 4.33
CA TRP A 35 -2.24 6.48 3.15
C TRP A 35 -1.95 5.01 3.55
N ARG A 36 -3.03 4.28 3.89
CA ARG A 36 -2.97 2.94 4.49
C ARG A 36 -3.24 1.86 3.44
N VAL A 37 -2.16 1.28 2.89
CA VAL A 37 -2.24 0.24 1.86
C VAL A 37 -2.72 -1.09 2.47
N THR A 38 -3.99 -1.39 2.24
CA THR A 38 -4.64 -2.65 2.62
C THR A 38 -4.53 -3.66 1.46
N TRP A 39 -3.84 -4.77 1.70
CA TRP A 39 -3.55 -5.79 0.69
C TRP A 39 -3.96 -7.18 1.22
N ASP A 40 -3.86 -8.18 0.35
CA ASP A 40 -4.25 -9.57 0.65
C ASP A 40 -3.06 -10.50 0.33
N THR A 1 -0.05 -6.02 9.95
CA THR A 1 -1.35 -5.33 9.74
C THR A 1 -1.67 -5.26 8.23
N GLN A 2 -2.95 -5.44 7.87
CA GLN A 2 -3.41 -5.34 6.48
C GLN A 2 -3.34 -3.89 5.98
N THR A 3 -3.93 -2.98 6.76
CA THR A 3 -3.92 -1.55 6.42
C THR A 3 -2.67 -0.87 7.08
N GLN A 4 -1.63 -0.66 6.26
CA GLN A 4 -0.34 -0.07 6.72
C GLN A 4 -0.20 1.34 6.16
N GLU A 5 0.05 2.33 7.04
CA GLU A 5 0.17 3.74 6.66
C GLU A 5 1.59 4.04 6.16
N PHE A 6 1.67 4.50 4.91
CA PHE A 6 2.94 4.85 4.26
C PHE A 6 3.06 6.37 4.08
N ASP A 7 4.28 6.83 3.83
CA ASP A 7 4.65 8.25 3.75
C ASP A 7 4.63 8.75 2.28
N ASN A 8 4.73 10.09 2.13
CA ASN A 8 4.90 10.78 0.82
C ASN A 8 6.22 10.36 0.11
N GLU A 9 7.07 9.59 0.83
CA GLU A 9 8.28 8.97 0.27
C GLU A 9 7.93 7.85 -0.76
N GLU A 10 6.61 7.59 -0.93
CA GLU A 10 6.09 6.62 -1.92
C GLU A 10 6.44 5.18 -1.50
N GLU A 11 6.47 4.97 -0.17
CA GLU A 11 6.62 3.63 0.44
C GLU A 11 5.41 2.73 0.12
N ALA A 12 4.32 3.37 -0.32
CA ALA A 12 3.11 2.71 -0.81
C ALA A 12 3.41 1.84 -2.05
N ARG A 13 4.03 2.47 -3.06
CA ARG A 13 4.40 1.82 -4.33
C ARG A 13 5.68 0.96 -4.16
N LYS A 14 6.55 1.40 -3.23
CA LYS A 14 7.80 0.70 -2.90
C LYS A 14 7.54 -0.63 -2.15
N ALA A 15 6.48 -0.65 -1.32
CA ALA A 15 6.02 -1.88 -0.65
C ALA A 15 5.24 -2.76 -1.65
N GLU A 16 4.50 -2.07 -2.54
CA GLU A 16 3.73 -2.73 -3.62
C GLU A 16 4.63 -3.58 -4.53
N LYS A 17 5.92 -3.19 -4.66
CA LYS A 17 6.94 -3.92 -5.47
C LYS A 17 6.97 -5.44 -5.14
N GLU A 18 6.79 -5.75 -3.85
CA GLU A 18 6.78 -7.12 -3.33
C GLU A 18 5.51 -7.86 -3.84
N LEU A 19 4.37 -7.16 -3.76
CA LEU A 19 3.05 -7.72 -4.09
C LEU A 19 2.89 -7.94 -5.61
N ARG A 20 3.22 -6.93 -6.42
CA ARG A 20 3.09 -6.99 -7.89
C ARG A 20 4.09 -7.98 -8.52
N LYS A 21 5.08 -8.41 -7.71
CA LYS A 21 6.03 -9.47 -8.11
C LYS A 21 5.33 -10.85 -8.07
N GLU A 22 4.32 -11.01 -7.18
CA GLU A 22 3.49 -12.23 -7.09
C GLU A 22 1.97 -11.87 -7.09
N ASN A 23 1.43 -11.55 -5.89
CA ASN A 23 -0.03 -11.34 -5.67
C ASN A 23 -0.34 -9.85 -5.47
N ARG A 24 -0.65 -9.15 -6.58
CA ARG A 24 -0.97 -7.71 -6.55
C ARG A 24 -2.44 -7.50 -6.13
N ARG A 25 -2.62 -7.37 -4.80
CA ARG A 25 -3.90 -7.01 -4.18
C ARG A 25 -3.61 -6.02 -3.04
N VAL A 26 -3.41 -4.75 -3.45
CA VAL A 26 -3.14 -3.63 -2.55
C VAL A 26 -4.04 -2.42 -2.91
N THR A 27 -5.11 -2.23 -2.11
CA THR A 27 -6.05 -1.11 -2.24
C THR A 27 -5.76 -0.06 -1.16
N VAL A 28 -5.33 1.14 -1.58
CA VAL A 28 -5.08 2.28 -0.68
C VAL A 28 -6.42 2.87 -0.21
N THR A 29 -6.49 3.27 1.07
CA THR A 29 -7.62 4.01 1.63
C THR A 29 -7.55 5.46 1.11
N GLN A 30 -8.36 5.76 0.08
CA GLN A 30 -8.33 7.04 -0.63
C GLN A 30 -9.06 8.12 0.22
N GLU A 31 -8.41 9.29 0.38
CA GLU A 31 -8.94 10.45 1.16
C GLU A 31 -9.18 10.07 2.65
N ASN A 32 -8.37 9.13 3.13
CA ASN A 32 -8.38 8.68 4.55
C ASN A 32 -7.58 9.67 5.41
N GLY A 33 -6.49 10.17 4.84
CA GLY A 33 -5.58 11.11 5.51
C GLY A 33 -4.20 11.04 4.91
N ARG A 34 -3.62 9.83 4.91
CA ARG A 34 -2.31 9.54 4.28
C ARG A 34 -2.45 8.32 3.35
N TRP A 35 -1.33 7.89 2.75
CA TRP A 35 -1.31 6.76 1.79
C TRP A 35 -1.26 5.44 2.56
N ARG A 36 -2.41 5.06 3.14
CA ARG A 36 -2.53 3.85 3.97
C ARG A 36 -3.03 2.69 3.09
N VAL A 37 -2.07 1.91 2.59
CA VAL A 37 -2.34 0.85 1.61
C VAL A 37 -2.70 -0.46 2.32
N THR A 38 -3.78 -1.09 1.88
CA THR A 38 -4.37 -2.27 2.52
C THR A 38 -4.28 -3.49 1.58
N TRP A 39 -3.55 -4.53 2.01
CA TRP A 39 -3.58 -5.84 1.33
C TRP A 39 -4.79 -6.64 1.88
N ASP A 40 -5.92 -6.49 1.17
CA ASP A 40 -7.24 -7.01 1.62
C ASP A 40 -7.46 -8.45 1.11
N THR A 1 -6.16 -8.70 8.47
CA THR A 1 -6.47 -7.36 7.92
C THR A 1 -5.17 -6.53 7.84
N GLN A 2 -4.43 -6.72 6.73
CA GLN A 2 -3.17 -5.99 6.47
C GLN A 2 -3.51 -4.69 5.71
N THR A 3 -3.15 -3.54 6.30
CA THR A 3 -3.37 -2.22 5.70
C THR A 3 -2.36 -1.21 6.32
N GLN A 4 -1.25 -1.00 5.58
CA GLN A 4 -0.12 -0.17 6.04
C GLN A 4 -0.25 1.27 5.52
N GLU A 5 -0.30 2.26 6.42
CA GLU A 5 -0.36 3.69 6.06
C GLU A 5 1.04 4.26 5.82
N PHE A 6 1.16 5.04 4.74
CA PHE A 6 2.42 5.64 4.29
C PHE A 6 2.19 7.11 3.96
N ASP A 7 3.29 7.86 3.90
CA ASP A 7 3.29 9.31 3.64
C ASP A 7 3.73 9.59 2.18
N ASN A 8 4.09 10.86 1.89
CA ASN A 8 4.46 11.32 0.54
C ASN A 8 5.91 10.90 0.16
N GLU A 9 6.57 10.10 1.01
CA GLU A 9 7.92 9.52 0.74
C GLU A 9 7.84 8.41 -0.35
N GLU A 10 6.59 8.05 -0.73
CA GLU A 10 6.28 7.12 -1.86
C GLU A 10 6.63 5.66 -1.48
N GLU A 11 6.66 5.39 -0.16
CA GLU A 11 6.94 4.05 0.42
C GLU A 11 5.79 3.05 0.14
N ALA A 12 4.61 3.60 -0.23
CA ALA A 12 3.44 2.80 -0.67
C ALA A 12 3.75 2.06 -1.98
N ARG A 13 4.58 2.68 -2.83
CA ARG A 13 5.03 2.07 -4.10
C ARG A 13 6.18 1.08 -3.87
N LYS A 14 7.00 1.33 -2.85
CA LYS A 14 8.08 0.41 -2.45
C LYS A 14 7.49 -0.91 -1.90
N ALA A 15 6.33 -0.76 -1.24
CA ALA A 15 5.49 -1.89 -0.77
C ALA A 15 4.82 -2.59 -1.97
N GLU A 16 4.17 -1.78 -2.84
CA GLU A 16 3.42 -2.25 -4.03
C GLU A 16 4.30 -3.12 -4.94
N LYS A 17 5.54 -2.66 -5.19
CA LYS A 17 6.50 -3.30 -6.11
C LYS A 17 7.13 -4.59 -5.52
N GLU A 18 6.73 -4.96 -4.31
CA GLU A 18 7.05 -6.26 -3.70
C GLU A 18 5.78 -7.13 -3.63
N LEU A 19 4.64 -6.47 -3.36
CA LEU A 19 3.31 -7.11 -3.22
C LEU A 19 2.79 -7.64 -4.57
N ARG A 20 3.29 -7.08 -5.69
CA ARG A 20 2.89 -7.47 -7.06
C ARG A 20 3.61 -8.76 -7.53
N LYS A 21 4.52 -9.29 -6.69
CA LYS A 21 5.39 -10.45 -7.00
C LYS A 21 4.59 -11.67 -7.50
N GLU A 22 3.78 -12.25 -6.59
CA GLU A 22 2.95 -13.42 -6.89
C GLU A 22 1.57 -12.95 -7.39
N ASN A 23 0.79 -12.38 -6.46
CA ASN A 23 -0.57 -11.88 -6.71
C ASN A 23 -0.59 -10.38 -6.40
N ARG A 24 -1.15 -9.58 -7.32
CA ARG A 24 -1.25 -8.11 -7.16
C ARG A 24 -2.41 -7.75 -6.20
N ARG A 25 -2.34 -8.21 -4.95
CA ARG A 25 -3.35 -7.93 -3.93
C ARG A 25 -3.00 -6.59 -3.27
N VAL A 26 -3.24 -5.51 -4.01
CA VAL A 26 -3.02 -4.12 -3.56
C VAL A 26 -4.31 -3.30 -3.76
N THR A 27 -4.69 -2.56 -2.72
CA THR A 27 -5.82 -1.63 -2.76
C THR A 27 -5.35 -0.29 -2.18
N VAL A 28 -5.40 0.78 -2.99
CA VAL A 28 -5.12 2.13 -2.52
C VAL A 28 -6.34 2.66 -1.72
N THR A 29 -6.14 2.92 -0.45
CA THR A 29 -7.18 3.37 0.49
C THR A 29 -6.78 4.77 1.02
N GLN A 30 -7.42 5.81 0.46
CA GLN A 30 -7.05 7.23 0.73
C GLN A 30 -8.10 7.91 1.63
N GLU A 31 -8.63 7.14 2.61
CA GLU A 31 -9.63 7.64 3.59
C GLU A 31 -9.02 8.73 4.50
N ASN A 32 -7.69 8.79 4.57
CA ASN A 32 -6.96 9.76 5.40
C ASN A 32 -5.98 10.56 4.52
N GLY A 33 -5.29 11.53 5.16
CA GLY A 33 -4.24 12.30 4.50
C GLY A 33 -3.04 11.42 4.12
N ARG A 34 -2.68 10.50 5.02
CA ARG A 34 -1.69 9.44 4.73
C ARG A 34 -2.42 8.29 4.02
N TRP A 35 -2.17 8.13 2.70
CA TRP A 35 -2.70 7.02 1.89
C TRP A 35 -2.13 5.67 2.39
N ARG A 36 -2.97 4.62 2.39
CA ARG A 36 -2.59 3.31 2.94
C ARG A 36 -2.90 2.19 1.94
N VAL A 37 -1.95 1.27 1.77
CA VAL A 37 -2.12 0.09 0.91
C VAL A 37 -2.72 -1.06 1.75
N THR A 38 -3.92 -1.50 1.37
CA THR A 38 -4.57 -2.68 1.94
C THR A 38 -4.25 -3.90 1.08
N TRP A 39 -3.64 -4.92 1.72
CA TRP A 39 -3.21 -6.15 1.06
C TRP A 39 -3.60 -7.36 1.92
N ASP A 40 -4.85 -7.81 1.76
CA ASP A 40 -5.43 -8.88 2.60
C ASP A 40 -6.43 -9.73 1.77
N THR A 1 -5.29 -8.63 4.14
CA THR A 1 -5.65 -9.05 5.51
C THR A 1 -4.99 -8.12 6.56
N GLN A 2 -3.84 -7.54 6.21
CA GLN A 2 -3.03 -6.69 7.08
C GLN A 2 -2.42 -5.52 6.27
N THR A 3 -2.53 -4.31 6.83
CA THR A 3 -1.95 -3.09 6.23
C THR A 3 -0.60 -2.77 6.89
N GLN A 4 0.15 -1.88 6.26
CA GLN A 4 1.38 -1.30 6.84
C GLN A 4 1.22 0.22 6.76
N GLU A 5 1.30 0.90 7.91
CA GLU A 5 1.01 2.34 8.01
C GLU A 5 2.22 3.18 7.55
N PHE A 6 2.22 3.48 6.24
CA PHE A 6 3.17 4.39 5.60
C PHE A 6 2.58 5.81 5.55
N ASP A 7 3.44 6.78 5.28
CA ASP A 7 3.13 8.21 5.38
C ASP A 7 2.84 8.84 4.00
N ASN A 8 2.77 10.19 3.98
CA ASN A 8 2.45 11.00 2.78
C ASN A 8 3.61 11.02 1.75
N GLU A 9 4.79 10.45 2.11
CA GLU A 9 5.95 10.34 1.18
C GLU A 9 5.79 9.15 0.19
N GLU A 10 4.62 8.46 0.29
CA GLU A 10 4.12 7.51 -0.74
C GLU A 10 4.92 6.17 -0.74
N GLU A 11 5.51 5.84 0.43
CA GLU A 11 6.37 4.64 0.60
C GLU A 11 5.60 3.31 0.37
N ALA A 12 4.28 3.37 0.54
CA ALA A 12 3.36 2.23 0.26
C ALA A 12 3.44 1.78 -1.19
N ARG A 13 3.52 2.76 -2.11
CA ARG A 13 3.50 2.56 -3.57
C ARG A 13 4.81 1.96 -4.10
N LYS A 14 5.93 2.30 -3.44
CA LYS A 14 7.28 1.76 -3.77
C LYS A 14 7.28 0.23 -3.59
N ALA A 15 6.72 -0.22 -2.46
CA ALA A 15 6.57 -1.64 -2.14
C ALA A 15 5.49 -2.27 -3.03
N GLU A 16 4.38 -1.53 -3.21
CA GLU A 16 3.17 -1.99 -3.91
C GLU A 16 3.47 -2.58 -5.31
N LYS A 17 4.36 -1.90 -6.06
CA LYS A 17 4.77 -2.34 -7.42
C LYS A 17 5.29 -3.80 -7.39
N GLU A 18 6.16 -4.07 -6.42
CA GLU A 18 6.82 -5.37 -6.25
C GLU A 18 5.86 -6.41 -5.62
N LEU A 19 4.91 -5.91 -4.80
CA LEU A 19 3.88 -6.76 -4.16
C LEU A 19 2.82 -7.21 -5.20
N ARG A 20 2.61 -6.37 -6.24
CA ARG A 20 1.67 -6.66 -7.34
C ARG A 20 2.20 -7.81 -8.23
N LYS A 21 3.53 -8.00 -8.22
CA LYS A 21 4.18 -9.09 -8.99
C LYS A 21 3.86 -10.47 -8.35
N GLU A 22 3.44 -10.46 -7.08
CA GLU A 22 2.97 -11.66 -6.37
C GLU A 22 1.48 -11.93 -6.68
N ASN A 23 0.95 -13.07 -6.20
CA ASN A 23 -0.48 -13.46 -6.42
C ASN A 23 -1.41 -12.67 -5.46
N ARG A 24 -0.80 -11.96 -4.48
CA ARG A 24 -1.52 -11.20 -3.46
C ARG A 24 -2.18 -9.93 -4.08
N ARG A 25 -3.33 -9.54 -3.53
CA ARG A 25 -3.99 -8.27 -3.87
C ARG A 25 -3.61 -7.20 -2.81
N VAL A 26 -3.06 -6.09 -3.30
CA VAL A 26 -2.64 -4.94 -2.47
C VAL A 26 -3.49 -3.71 -2.82
N THR A 27 -3.91 -2.96 -1.79
CA THR A 27 -4.68 -1.73 -1.97
C THR A 27 -4.14 -0.63 -1.02
N VAL A 28 -3.53 0.42 -1.59
CA VAL A 28 -3.12 1.61 -0.83
C VAL A 28 -4.38 2.41 -0.41
N THR A 29 -4.38 2.94 0.82
CA THR A 29 -5.46 3.79 1.32
C THR A 29 -5.45 5.16 0.60
N GLN A 30 -6.65 5.79 0.55
CA GLN A 30 -6.93 7.01 -0.26
C GLN A 30 -5.86 8.11 -0.10
N GLU A 31 -5.66 8.86 -1.20
CA GLU A 31 -4.71 10.00 -1.27
C GLU A 31 -5.09 11.14 -0.29
N ASN A 32 -6.31 11.08 0.25
CA ASN A 32 -6.86 12.05 1.22
C ASN A 32 -6.14 11.99 2.58
N GLY A 33 -5.50 10.84 2.91
CA GLY A 33 -4.77 10.70 4.18
C GLY A 33 -4.27 9.27 4.44
N ARG A 34 -3.03 9.19 5.03
CA ARG A 34 -2.33 7.92 5.37
C ARG A 34 -2.26 6.94 4.21
N TRP A 35 -1.24 7.12 3.36
CA TRP A 35 -1.05 6.31 2.15
C TRP A 35 -0.36 5.00 2.56
N ARG A 36 -1.19 4.02 2.96
CA ARG A 36 -0.73 2.76 3.58
C ARG A 36 -1.21 1.55 2.75
N VAL A 37 -0.27 0.65 2.40
CA VAL A 37 -0.58 -0.52 1.54
C VAL A 37 -1.22 -1.65 2.36
N THR A 38 -2.39 -2.13 1.91
CA THR A 38 -3.16 -3.19 2.58
C THR A 38 -3.08 -4.47 1.73
N TRP A 39 -2.29 -5.43 2.22
CA TRP A 39 -1.95 -6.67 1.50
C TRP A 39 -2.47 -7.89 2.27
N ASP A 40 -2.64 -9.01 1.55
CA ASP A 40 -2.85 -10.33 2.17
C ASP A 40 -1.50 -11.08 2.22
N THR A 1 -2.81 -6.80 10.44
CA THR A 1 -3.08 -5.51 9.81
C THR A 1 -2.88 -5.59 8.28
N GLN A 2 -4.00 -5.87 7.57
CA GLN A 2 -4.06 -5.86 6.10
C GLN A 2 -3.73 -4.47 5.54
N THR A 3 -4.13 -3.43 6.30
CA THR A 3 -3.82 -2.03 5.99
C THR A 3 -2.44 -1.67 6.58
N GLN A 4 -1.41 -1.75 5.73
CA GLN A 4 -0.04 -1.33 6.08
C GLN A 4 0.07 0.17 5.79
N GLU A 5 0.17 0.98 6.87
CA GLU A 5 -0.01 2.43 6.79
C GLU A 5 1.33 3.15 6.60
N PHE A 6 1.61 3.53 5.35
CA PHE A 6 2.78 4.31 4.96
C PHE A 6 2.52 5.81 5.18
N ASP A 7 3.54 6.64 4.92
CA ASP A 7 3.47 8.11 5.12
C ASP A 7 2.99 8.82 3.82
N ASN A 8 2.63 10.10 3.99
CA ASN A 8 2.21 11.05 2.92
C ASN A 8 3.17 11.02 1.70
N GLU A 9 4.49 10.80 1.95
CA GLU A 9 5.55 10.84 0.90
C GLU A 9 5.54 9.62 -0.05
N GLU A 10 4.36 8.95 -0.18
CA GLU A 10 4.05 8.04 -1.30
C GLU A 10 4.88 6.72 -1.20
N GLU A 11 5.21 6.31 0.04
CA GLU A 11 6.01 5.08 0.31
C GLU A 11 5.25 3.78 -0.09
N ALA A 12 3.94 3.93 -0.34
CA ALA A 12 3.02 2.86 -0.76
C ALA A 12 3.43 2.22 -2.11
N ARG A 13 4.15 3.00 -2.96
CA ARG A 13 4.60 2.54 -4.28
C ARG A 13 5.63 1.42 -4.16
N LYS A 14 6.45 1.49 -3.09
CA LYS A 14 7.48 0.49 -2.78
C LYS A 14 6.85 -0.89 -2.55
N ALA A 15 5.73 -0.91 -1.79
CA ALA A 15 4.97 -2.12 -1.50
C ALA A 15 4.48 -2.78 -2.79
N GLU A 16 3.79 -1.98 -3.62
CA GLU A 16 3.20 -2.46 -4.89
C GLU A 16 4.30 -2.94 -5.87
N LYS A 17 5.48 -2.30 -5.80
CA LYS A 17 6.64 -2.59 -6.69
C LYS A 17 7.19 -4.02 -6.47
N GLU A 18 7.05 -4.51 -5.23
CA GLU A 18 7.43 -5.88 -4.87
C GLU A 18 6.21 -6.79 -5.17
N LEU A 19 5.08 -6.46 -4.52
CA LEU A 19 3.84 -7.28 -4.48
C LEU A 19 3.14 -7.44 -5.86
N ARG A 20 3.62 -6.72 -6.90
CA ARG A 20 3.09 -6.84 -8.28
C ARG A 20 3.28 -8.27 -8.84
N LYS A 21 4.37 -8.94 -8.40
CA LYS A 21 4.70 -10.32 -8.80
C LYS A 21 3.91 -11.33 -7.93
N GLU A 22 3.50 -10.89 -6.74
CA GLU A 22 2.75 -11.71 -5.78
C GLU A 22 1.29 -11.95 -6.21
N ASN A 23 0.66 -12.90 -5.51
CA ASN A 23 -0.76 -13.22 -5.66
C ASN A 23 -1.62 -12.26 -4.82
N ARG A 24 -0.95 -11.49 -3.93
CA ARG A 24 -1.61 -10.59 -2.97
C ARG A 24 -2.23 -9.39 -3.71
N ARG A 25 -3.58 -9.30 -3.74
CA ARG A 25 -4.29 -8.16 -4.32
C ARG A 25 -4.09 -6.92 -3.43
N VAL A 26 -3.17 -6.02 -3.83
CA VAL A 26 -2.85 -4.80 -3.08
C VAL A 26 -3.65 -3.61 -3.66
N THR A 27 -4.26 -2.83 -2.76
CA THR A 27 -5.06 -1.66 -3.11
C THR A 27 -4.67 -0.49 -2.19
N VAL A 28 -3.97 0.50 -2.76
CA VAL A 28 -3.54 1.71 -2.02
C VAL A 28 -4.74 2.65 -1.76
N THR A 29 -4.75 3.25 -0.57
CA THR A 29 -5.78 4.18 -0.12
C THR A 29 -5.10 5.37 0.57
N GLN A 30 -5.06 6.54 -0.09
CA GLN A 30 -4.46 7.76 0.49
C GLN A 30 -5.21 8.21 1.76
N GLU A 31 -6.53 7.90 1.80
CA GLU A 31 -7.43 8.14 2.97
C GLU A 31 -7.54 9.65 3.31
N ASN A 32 -7.08 10.52 2.37
CA ASN A 32 -7.00 11.99 2.53
C ASN A 32 -6.12 12.38 3.75
N GLY A 33 -5.17 11.48 4.10
CA GLY A 33 -4.28 11.65 5.24
C GLY A 33 -2.90 11.12 4.95
N ARG A 34 -2.80 9.80 4.71
CA ARG A 34 -1.51 9.11 4.40
C ARG A 34 -1.78 7.81 3.64
N TRP A 35 -0.86 7.50 2.71
CA TRP A 35 -0.99 6.36 1.78
C TRP A 35 -0.86 5.03 2.53
N ARG A 36 -1.95 4.25 2.60
CA ARG A 36 -1.96 2.93 3.25
C ARG A 36 -2.49 1.86 2.30
N VAL A 37 -1.73 0.77 2.17
CA VAL A 37 -2.01 -0.32 1.22
C VAL A 37 -2.73 -1.47 1.93
N THR A 38 -3.94 -1.77 1.45
CA THR A 38 -4.70 -2.95 1.86
C THR A 38 -4.31 -4.14 0.97
N TRP A 39 -3.51 -5.08 1.51
CA TRP A 39 -3.13 -6.30 0.80
C TRP A 39 -4.11 -7.44 1.11
N ASP A 40 -4.31 -8.32 0.13
CA ASP A 40 -5.08 -9.55 0.28
C ASP A 40 -4.22 -10.62 0.98
N THR A 1 -2.01 -7.05 10.50
CA THR A 1 -2.92 -6.02 9.94
C THR A 1 -2.76 -5.93 8.41
N GLN A 2 -3.88 -5.69 7.70
CA GLN A 2 -3.88 -5.40 6.25
C GLN A 2 -3.50 -3.92 6.01
N THR A 3 -3.85 -3.05 6.96
CA THR A 3 -3.72 -1.59 6.83
C THR A 3 -2.33 -1.11 7.30
N GLN A 4 -1.47 -0.68 6.36
CA GLN A 4 -0.16 -0.09 6.66
C GLN A 4 -0.06 1.31 6.01
N GLU A 5 -0.13 2.37 6.84
CA GLU A 5 -0.05 3.76 6.35
C GLU A 5 1.37 4.31 6.48
N PHE A 6 2.05 4.34 5.33
CA PHE A 6 3.43 4.81 5.19
C PHE A 6 3.51 6.34 5.21
N ASP A 7 4.67 6.87 5.61
CA ASP A 7 4.89 8.33 5.83
C ASP A 7 5.06 9.15 4.52
N ASN A 8 4.75 8.49 3.37
CA ASN A 8 4.81 9.08 2.01
C ASN A 8 6.29 9.29 1.57
N GLU A 9 7.17 8.45 2.11
CA GLU A 9 8.60 8.39 1.74
C GLU A 9 8.80 7.43 0.53
N GLU A 10 7.75 7.31 -0.30
CA GLU A 10 7.68 6.42 -1.49
C GLU A 10 7.70 4.91 -1.09
N GLU A 11 7.55 4.59 0.21
CA GLU A 11 7.53 3.18 0.68
C GLU A 11 6.16 2.53 0.44
N ALA A 12 5.14 3.38 0.24
CA ALA A 12 3.79 2.94 -0.15
C ALA A 12 3.80 2.51 -1.63
N ARG A 13 4.70 3.14 -2.41
CA ARG A 13 4.80 2.95 -3.86
C ARG A 13 5.68 1.74 -4.16
N LYS A 14 6.80 1.61 -3.42
CA LYS A 14 7.72 0.44 -3.54
C LYS A 14 6.98 -0.86 -3.15
N ALA A 15 6.17 -0.75 -2.08
CA ALA A 15 5.31 -1.85 -1.61
C ALA A 15 4.33 -2.28 -2.70
N GLU A 16 3.53 -1.32 -3.17
CA GLU A 16 2.46 -1.54 -4.18
C GLU A 16 3.03 -2.10 -5.51
N LYS A 17 4.23 -1.61 -5.86
CA LYS A 17 4.97 -1.97 -7.09
C LYS A 17 5.39 -3.46 -7.11
N GLU A 18 5.83 -3.96 -5.94
CA GLU A 18 6.41 -5.31 -5.83
C GLU A 18 5.34 -6.35 -5.43
N LEU A 19 4.35 -5.93 -4.62
CA LEU A 19 3.30 -6.84 -4.10
C LEU A 19 2.23 -7.13 -5.16
N ARG A 20 2.17 -6.30 -6.24
CA ARG A 20 1.33 -6.60 -7.41
C ARG A 20 1.95 -7.74 -8.25
N LYS A 21 3.29 -7.91 -8.13
CA LYS A 21 4.06 -8.92 -8.87
C LYS A 21 3.96 -10.30 -8.16
N GLU A 22 2.91 -11.08 -8.53
CA GLU A 22 2.72 -12.51 -8.13
C GLU A 22 2.52 -12.70 -6.62
N ASN A 23 2.38 -11.58 -5.88
CA ASN A 23 2.20 -11.59 -4.43
C ASN A 23 0.71 -11.29 -4.11
N ARG A 24 0.41 -10.76 -2.93
CA ARG A 24 -0.97 -10.49 -2.46
C ARG A 24 -1.40 -9.09 -2.92
N ARG A 25 -2.67 -8.95 -3.38
CA ARG A 25 -3.18 -7.70 -4.02
C ARG A 25 -3.12 -6.51 -3.04
N VAL A 26 -2.96 -5.30 -3.60
CA VAL A 26 -2.73 -4.05 -2.82
C VAL A 26 -3.75 -2.97 -3.20
N THR A 27 -4.31 -2.30 -2.17
CA THR A 27 -5.26 -1.20 -2.32
C THR A 27 -4.89 -0.04 -1.39
N VAL A 28 -4.39 1.07 -1.94
CA VAL A 28 -4.09 2.27 -1.14
C VAL A 28 -5.42 3.00 -0.79
N THR A 29 -5.75 3.05 0.51
CA THR A 29 -6.94 3.77 1.01
C THR A 29 -6.67 5.29 1.01
N GLN A 30 -6.88 5.88 -0.16
CA GLN A 30 -6.55 7.29 -0.45
C GLN A 30 -7.77 8.22 -0.25
N GLU A 31 -8.82 7.68 0.39
CA GLU A 31 -10.08 8.43 0.65
C GLU A 31 -9.86 9.53 1.71
N ASN A 32 -9.34 10.70 1.24
CA ASN A 32 -9.03 11.90 2.08
C ASN A 32 -8.10 11.60 3.27
N GLY A 33 -7.37 10.47 3.22
CA GLY A 33 -6.53 10.01 4.32
C GLY A 33 -5.09 9.77 3.90
N ARG A 34 -4.34 9.03 4.74
CA ARG A 34 -2.91 8.71 4.50
C ARG A 34 -2.78 7.66 3.39
N TRP A 35 -1.57 7.59 2.81
CA TRP A 35 -1.23 6.66 1.73
C TRP A 35 -0.97 5.28 2.35
N ARG A 36 -2.09 4.59 2.58
CA ARG A 36 -2.16 3.37 3.38
C ARG A 36 -2.36 2.15 2.49
N VAL A 37 -1.27 1.40 2.27
CA VAL A 37 -1.32 0.14 1.53
C VAL A 37 -2.09 -0.89 2.37
N THR A 38 -3.38 -0.97 2.08
CA THR A 38 -4.29 -1.96 2.65
C THR A 38 -4.32 -3.14 1.68
N TRP A 39 -3.63 -4.22 2.03
CA TRP A 39 -3.38 -5.37 1.14
C TRP A 39 -4.22 -6.60 1.51
N ASP A 40 -4.08 -7.65 0.68
CA ASP A 40 -4.87 -8.90 0.75
C ASP A 40 -4.60 -9.68 2.05
N THR A 1 -4.49 -8.98 4.28
CA THR A 1 -5.05 -7.60 4.35
C THR A 1 -4.15 -6.68 5.21
N GLN A 2 -2.82 -6.77 4.98
CA GLN A 2 -1.83 -6.00 5.77
C GLN A 2 -1.86 -4.53 5.35
N THR A 3 -2.58 -3.69 6.11
CA THR A 3 -2.64 -2.25 5.85
C THR A 3 -1.45 -1.56 6.52
N GLN A 4 -0.72 -0.77 5.73
CA GLN A 4 0.45 -0.02 6.21
C GLN A 4 0.45 1.36 5.54
N GLU A 5 0.65 2.40 6.35
CA GLU A 5 0.48 3.81 5.95
C GLU A 5 1.83 4.50 5.81
N PHE A 6 1.96 5.30 4.73
CA PHE A 6 3.15 6.13 4.46
C PHE A 6 2.68 7.53 4.06
N ASP A 7 2.74 8.48 5.02
CA ASP A 7 2.30 9.86 4.78
C ASP A 7 3.39 10.61 3.99
N ASN A 8 3.25 10.57 2.64
CA ASN A 8 4.13 11.28 1.66
C ASN A 8 5.48 10.56 1.44
N GLU A 9 5.85 9.63 2.35
CA GLU A 9 7.20 9.01 2.38
C GLU A 9 7.44 8.06 1.19
N GLU A 10 6.33 7.67 0.52
CA GLU A 10 6.31 7.01 -0.81
C GLU A 10 6.99 5.60 -0.81
N GLU A 11 7.27 5.06 0.39
CA GLU A 11 7.84 3.70 0.56
C GLU A 11 6.78 2.62 0.27
N ALA A 12 5.52 3.07 0.18
CA ALA A 12 4.40 2.26 -0.27
C ALA A 12 4.65 1.70 -1.67
N ARG A 13 5.15 2.58 -2.57
CA ARG A 13 5.41 2.24 -4.00
C ARG A 13 6.43 1.10 -4.15
N LYS A 14 7.31 0.94 -3.15
CA LYS A 14 8.32 -0.15 -3.10
C LYS A 14 7.62 -1.52 -2.92
N ALA A 15 6.80 -1.62 -1.85
CA ALA A 15 6.13 -2.89 -1.46
C ALA A 15 4.94 -3.21 -2.39
N GLU A 16 4.21 -2.16 -2.76
CA GLU A 16 2.98 -2.22 -3.57
C GLU A 16 3.29 -2.76 -4.98
N LYS A 17 4.32 -2.17 -5.64
CA LYS A 17 4.80 -2.62 -6.97
C LYS A 17 5.32 -4.08 -6.88
N GLU A 18 6.07 -4.37 -5.80
CA GLU A 18 6.71 -5.70 -5.56
C GLU A 18 5.66 -6.83 -5.52
N LEU A 19 4.56 -6.59 -4.78
CA LEU A 19 3.53 -7.61 -4.50
C LEU A 19 2.50 -7.71 -5.63
N ARG A 20 2.56 -6.80 -6.62
CA ARG A 20 1.79 -6.93 -7.88
C ARG A 20 2.38 -8.05 -8.76
N LYS A 21 3.68 -8.32 -8.58
CA LYS A 21 4.37 -9.45 -9.21
C LYS A 21 3.99 -10.77 -8.50
N GLU A 22 3.70 -10.65 -7.20
CA GLU A 22 3.24 -11.77 -6.34
C GLU A 22 1.71 -11.99 -6.52
N ASN A 23 1.20 -13.14 -6.06
CA ASN A 23 -0.23 -13.54 -6.19
C ASN A 23 -1.16 -12.84 -5.18
N ARG A 24 -0.64 -11.87 -4.41
CA ARG A 24 -1.41 -11.13 -3.38
C ARG A 24 -1.66 -9.69 -3.86
N ARG A 25 -2.94 -9.29 -3.94
CA ARG A 25 -3.36 -8.01 -4.53
C ARG A 25 -3.18 -6.84 -3.55
N VAL A 26 -2.67 -5.73 -4.07
CA VAL A 26 -2.45 -4.47 -3.32
C VAL A 26 -3.60 -3.48 -3.62
N THR A 27 -3.96 -2.68 -2.60
CA THR A 27 -5.02 -1.66 -2.69
C THR A 27 -4.55 -0.35 -2.03
N VAL A 28 -4.28 0.69 -2.84
CA VAL A 28 -3.98 2.04 -2.33
C VAL A 28 -5.28 2.68 -1.79
N THR A 29 -5.41 2.68 -0.45
CA THR A 29 -6.61 3.15 0.25
C THR A 29 -6.43 4.65 0.63
N GLN A 30 -6.50 5.52 -0.39
CA GLN A 30 -6.33 6.98 -0.22
C GLN A 30 -7.57 7.57 0.51
N GLU A 31 -7.44 7.84 1.82
CA GLU A 31 -8.53 8.36 2.66
C GLU A 31 -7.97 9.31 3.74
N ASN A 32 -8.79 10.33 4.11
CA ASN A 32 -8.51 11.26 5.24
C ASN A 32 -7.22 12.08 5.05
N GLY A 33 -6.62 12.02 3.85
CA GLY A 33 -5.29 12.57 3.59
C GLY A 33 -4.17 11.57 3.87
N ARG A 34 -4.43 10.63 4.82
CA ARG A 34 -3.48 9.61 5.25
C ARG A 34 -3.30 8.58 4.12
N TRP A 35 -2.19 8.71 3.37
CA TRP A 35 -1.91 7.86 2.22
C TRP A 35 -1.45 6.46 2.69
N ARG A 36 -2.43 5.57 2.87
CA ARG A 36 -2.23 4.19 3.33
C ARG A 36 -2.45 3.21 2.17
N VAL A 37 -1.64 2.15 2.13
CA VAL A 37 -1.75 1.07 1.12
C VAL A 37 -1.95 -0.26 1.86
N THR A 38 -3.09 -0.89 1.61
CA THR A 38 -3.44 -2.20 2.14
C THR A 38 -3.03 -3.29 1.14
N TRP A 39 -1.91 -3.96 1.46
CA TRP A 39 -1.34 -5.04 0.64
C TRP A 39 -1.68 -6.37 1.32
N ASP A 40 -2.40 -7.24 0.59
CA ASP A 40 -3.06 -8.43 1.16
C ASP A 40 -2.04 -9.42 1.78
N THR A 1 -1.06 -4.92 11.55
CA THR A 1 -0.09 -4.68 10.45
C THR A 1 -0.73 -4.91 9.07
N GLN A 2 -2.02 -5.37 9.05
CA GLN A 2 -2.79 -5.67 7.81
C GLN A 2 -2.87 -4.44 6.87
N THR A 3 -2.77 -3.23 7.45
CA THR A 3 -2.69 -1.98 6.71
C THR A 3 -1.40 -1.25 7.10
N GLN A 4 -0.42 -1.22 6.18
CA GLN A 4 0.85 -0.52 6.42
C GLN A 4 0.67 0.95 6.05
N GLU A 5 0.61 1.80 7.08
CA GLU A 5 0.40 3.23 6.92
C GLU A 5 1.74 3.92 6.66
N PHE A 6 1.80 4.67 5.56
CA PHE A 6 2.98 5.43 5.15
C PHE A 6 2.60 6.91 4.93
N ASP A 7 3.60 7.73 4.59
CA ASP A 7 3.41 9.17 4.35
C ASP A 7 3.28 9.47 2.85
N ASN A 8 3.12 10.76 2.54
CA ASN A 8 3.09 11.28 1.16
C ASN A 8 4.46 11.14 0.46
N GLU A 9 5.49 10.79 1.26
CA GLU A 9 6.87 10.52 0.79
C GLU A 9 6.96 9.22 -0.04
N GLU A 10 5.86 8.44 0.00
CA GLU A 10 5.61 7.31 -0.87
C GLU A 10 6.57 6.14 -0.57
N GLU A 11 6.33 5.50 0.57
CA GLU A 11 7.02 4.25 0.95
C GLU A 11 6.07 3.05 0.69
N ALA A 12 4.86 3.34 0.17
CA ALA A 12 3.81 2.32 -0.05
C ALA A 12 4.05 1.54 -1.35
N ARG A 13 4.16 2.24 -2.50
CA ARG A 13 4.49 1.62 -3.81
C ARG A 13 5.89 0.97 -3.78
N LYS A 14 6.74 1.48 -2.88
CA LYS A 14 8.11 1.04 -2.71
C LYS A 14 8.16 -0.45 -2.28
N ALA A 15 7.37 -0.81 -1.26
CA ALA A 15 7.21 -2.20 -0.81
C ALA A 15 6.29 -2.98 -1.78
N GLU A 16 5.16 -2.33 -2.13
CA GLU A 16 4.07 -2.93 -2.94
C GLU A 16 4.56 -3.35 -4.35
N LYS A 17 5.63 -2.68 -4.84
CA LYS A 17 6.26 -2.91 -6.18
C LYS A 17 6.43 -4.41 -6.50
N GLU A 18 6.98 -5.13 -5.54
CA GLU A 18 7.27 -6.57 -5.67
C GLU A 18 6.00 -7.42 -5.54
N LEU A 19 5.03 -6.95 -4.74
CA LEU A 19 3.71 -7.61 -4.57
C LEU A 19 2.93 -7.56 -5.91
N ARG A 20 3.07 -6.44 -6.66
CA ARG A 20 2.25 -6.10 -7.84
C ARG A 20 2.51 -7.00 -9.09
N LYS A 21 3.28 -8.08 -8.92
CA LYS A 21 3.60 -9.01 -10.03
C LYS A 21 2.67 -10.24 -9.97
N GLU A 22 2.64 -10.92 -8.79
CA GLU A 22 1.88 -12.18 -8.57
C GLU A 22 1.27 -12.18 -7.16
N ASN A 23 0.01 -12.72 -7.06
CA ASN A 23 -0.74 -12.86 -5.78
C ASN A 23 -0.82 -11.54 -5.00
N ARG A 24 -1.02 -10.46 -5.76
CA ARG A 24 -1.12 -9.10 -5.20
C ARG A 24 -2.49 -8.86 -4.54
N ARG A 25 -2.60 -9.26 -3.26
CA ARG A 25 -3.74 -8.87 -2.41
C ARG A 25 -3.44 -7.48 -1.81
N VAL A 26 -3.23 -6.49 -2.69
CA VAL A 26 -2.90 -5.11 -2.30
C VAL A 26 -3.98 -4.14 -2.81
N THR A 27 -4.62 -3.45 -1.87
CA THR A 27 -5.55 -2.36 -2.15
C THR A 27 -5.03 -1.10 -1.44
N VAL A 28 -4.52 -0.14 -2.22
CA VAL A 28 -4.03 1.12 -1.67
C VAL A 28 -5.24 1.99 -1.26
N THR A 29 -5.28 2.33 0.02
CA THR A 29 -6.37 3.12 0.61
C THR A 29 -6.28 4.58 0.12
N GLN A 30 -7.43 5.25 -0.03
CA GLN A 30 -7.54 6.63 -0.54
C GLN A 30 -6.69 7.61 0.30
N GLU A 31 -6.32 8.74 -0.32
CA GLU A 31 -5.49 9.80 0.28
C GLU A 31 -6.27 10.67 1.32
N ASN A 32 -7.42 10.14 1.83
CA ASN A 32 -8.20 10.78 2.92
C ASN A 32 -7.34 10.86 4.20
N GLY A 33 -6.72 12.03 4.41
CA GLY A 33 -5.82 12.26 5.54
C GLY A 33 -4.44 11.66 5.30
N ARG A 34 -4.32 10.33 5.46
CA ARG A 34 -3.03 9.61 5.47
C ARG A 34 -2.96 8.59 4.32
N TRP A 35 -1.72 8.30 3.87
CA TRP A 35 -1.46 7.42 2.70
C TRP A 35 -1.19 5.98 3.18
N ARG A 36 -2.28 5.19 3.28
CA ARG A 36 -2.23 3.79 3.76
C ARG A 36 -2.31 2.83 2.57
N VAL A 37 -1.59 1.70 2.68
CA VAL A 37 -1.72 0.56 1.75
C VAL A 37 -2.21 -0.68 2.55
N THR A 38 -3.25 -1.32 2.03
CA THR A 38 -3.86 -2.52 2.64
C THR A 38 -3.32 -3.77 1.92
N TRP A 39 -2.99 -4.81 2.70
CA TRP A 39 -2.61 -6.13 2.16
C TRP A 39 -3.36 -7.22 2.96
N ASP A 40 -3.80 -8.27 2.26
CA ASP A 40 -4.58 -9.38 2.84
C ASP A 40 -3.69 -10.64 2.89
N THR A 1 -1.98 -5.84 9.85
CA THR A 1 -2.53 -7.16 9.44
C THR A 1 -2.47 -7.32 7.92
N GLN A 2 -3.04 -6.35 7.18
CA GLN A 2 -3.26 -6.47 5.73
C GLN A 2 -3.03 -5.14 4.97
N THR A 3 -2.60 -4.06 5.66
CA THR A 3 -2.36 -2.75 5.02
C THR A 3 -0.96 -2.21 5.36
N GLN A 4 -0.24 -1.79 4.31
CA GLN A 4 1.12 -1.23 4.42
C GLN A 4 1.01 0.31 4.39
N GLU A 5 1.23 0.96 5.55
CA GLU A 5 0.96 2.40 5.73
C GLU A 5 2.16 3.26 5.26
N PHE A 6 1.88 4.20 4.32
CA PHE A 6 2.89 5.13 3.73
C PHE A 6 2.26 6.53 3.56
N ASP A 7 3.01 7.47 2.95
CA ASP A 7 2.59 8.89 2.85
C ASP A 7 3.48 9.66 1.83
N ASN A 8 3.79 10.96 2.12
CA ASN A 8 4.56 11.90 1.28
C ASN A 8 5.92 11.34 0.78
N GLU A 9 6.55 10.42 1.53
CA GLU A 9 7.87 9.86 1.15
C GLU A 9 7.80 8.94 -0.07
N GLU A 10 6.56 8.65 -0.54
CA GLU A 10 6.28 7.94 -1.82
C GLU A 10 6.82 6.47 -1.78
N GLU A 11 7.06 5.96 -0.56
CA GLU A 11 7.51 4.58 -0.31
C GLU A 11 6.37 3.55 -0.53
N ALA A 12 5.17 4.08 -0.85
CA ALA A 12 4.04 3.29 -1.36
C ALA A 12 4.44 2.57 -2.67
N ARG A 13 5.19 3.31 -3.52
CA ARG A 13 5.75 2.78 -4.79
C ARG A 13 6.81 1.69 -4.49
N LYS A 14 7.68 2.01 -3.50
CA LYS A 14 8.78 1.14 -3.05
C LYS A 14 8.28 -0.27 -2.67
N ALA A 15 7.20 -0.30 -1.87
CA ALA A 15 6.58 -1.54 -1.39
C ALA A 15 5.78 -2.23 -2.50
N GLU A 16 4.99 -1.43 -3.27
CA GLU A 16 4.08 -1.91 -4.34
C GLU A 16 4.80 -2.83 -5.35
N LYS A 17 6.08 -2.50 -5.62
CA LYS A 17 6.98 -3.28 -6.49
C LYS A 17 6.99 -4.78 -6.11
N GLU A 18 7.07 -5.05 -4.81
CA GLU A 18 7.16 -6.41 -4.24
C GLU A 18 5.77 -6.94 -3.84
N LEU A 19 4.86 -6.03 -3.49
CA LEU A 19 3.51 -6.36 -3.00
C LEU A 19 2.54 -6.70 -4.15
N ARG A 20 2.97 -6.52 -5.40
CA ARG A 20 2.22 -7.00 -6.58
C ARG A 20 2.54 -8.47 -6.86
N LYS A 21 3.68 -8.95 -6.32
CA LYS A 21 4.10 -10.37 -6.39
C LYS A 21 3.44 -11.15 -5.24
N GLU A 22 2.91 -12.36 -5.58
CA GLU A 22 2.20 -13.30 -4.66
C GLU A 22 0.76 -12.81 -4.37
N ASN A 23 0.63 -11.53 -3.98
CA ASN A 23 -0.67 -10.84 -3.85
C ASN A 23 -1.30 -10.66 -5.24
N ARG A 24 -2.63 -10.69 -5.27
CA ARG A 24 -3.42 -10.61 -6.51
C ARG A 24 -3.46 -9.14 -6.98
N ARG A 25 -3.78 -8.23 -6.03
CA ARG A 25 -3.86 -6.79 -6.29
C ARG A 25 -3.79 -6.01 -4.97
N VAL A 26 -2.96 -4.96 -4.92
CA VAL A 26 -2.93 -3.99 -3.81
C VAL A 26 -3.72 -2.72 -4.19
N THR A 27 -4.59 -2.27 -3.26
CA THR A 27 -5.42 -1.06 -3.43
C THR A 27 -5.28 -0.18 -2.18
N VAL A 28 -4.88 1.09 -2.39
CA VAL A 28 -4.76 2.08 -1.31
C VAL A 28 -6.15 2.65 -0.95
N THR A 29 -6.32 3.07 0.33
CA THR A 29 -7.53 3.78 0.76
C THR A 29 -7.56 5.19 0.13
N GLN A 30 -8.75 5.78 0.01
CA GLN A 30 -8.92 7.09 -0.64
C GLN A 30 -8.51 8.22 0.34
N GLU A 31 -7.18 8.41 0.50
CA GLU A 31 -6.57 9.52 1.26
C GLU A 31 -7.01 9.54 2.76
N ASN A 32 -7.60 8.43 3.26
CA ASN A 32 -8.16 8.36 4.63
C ASN A 32 -7.04 8.29 5.68
N GLY A 33 -6.61 9.50 6.14
CA GLY A 33 -5.56 9.64 7.14
C GLY A 33 -4.18 9.39 6.56
N ARG A 34 -3.74 8.12 6.66
CA ARG A 34 -2.44 7.68 6.09
C ARG A 34 -2.69 7.11 4.68
N TRP A 35 -1.70 7.24 3.77
CA TRP A 35 -1.75 6.63 2.42
C TRP A 35 -1.34 5.15 2.56
N ARG A 36 -2.28 4.35 3.07
CA ARG A 36 -2.05 2.95 3.48
C ARG A 36 -2.57 1.99 2.40
N VAL A 37 -1.60 1.43 1.66
CA VAL A 37 -1.86 0.52 0.54
C VAL A 37 -2.17 -0.89 1.08
N THR A 38 -3.46 -1.25 1.06
CA THR A 38 -3.93 -2.54 1.59
C THR A 38 -3.70 -3.65 0.56
N TRP A 39 -2.93 -4.68 0.93
CA TRP A 39 -2.66 -5.83 0.05
C TRP A 39 -3.78 -6.86 0.13
N ASP A 40 -3.95 -7.59 -0.97
CA ASP A 40 -4.80 -8.78 -1.04
C ASP A 40 -4.15 -9.71 -2.07
N THR A 1 -5.84 -8.18 5.82
CA THR A 1 -6.31 -6.78 5.76
C THR A 1 -5.62 -5.97 6.88
N GLN A 2 -4.44 -5.40 6.56
CA GLN A 2 -3.61 -4.65 7.53
C GLN A 2 -3.76 -3.14 7.25
N THR A 3 -4.54 -2.45 8.10
CA THR A 3 -4.82 -1.01 7.96
C THR A 3 -3.55 -0.19 8.24
N GLN A 4 -2.82 0.13 7.18
CA GLN A 4 -1.48 0.75 7.24
C GLN A 4 -1.42 2.00 6.37
N GLU A 5 -0.65 3.00 6.80
CA GLU A 5 -0.47 4.27 6.09
C GLU A 5 0.99 4.40 5.60
N PHE A 6 1.19 4.50 4.28
CA PHE A 6 2.53 4.68 3.68
C PHE A 6 2.50 5.97 2.85
N ASP A 7 2.98 7.06 3.45
CA ASP A 7 2.80 8.43 2.94
C ASP A 7 4.07 9.28 3.11
N ASN A 8 5.07 8.73 3.83
CA ASN A 8 6.34 9.44 4.10
C ASN A 8 7.22 9.47 2.84
N GLU A 9 7.69 8.27 2.43
CA GLU A 9 8.52 8.10 1.21
C GLU A 9 7.78 7.20 0.18
N GLU A 10 6.49 6.87 0.48
CA GLU A 10 5.65 6.02 -0.38
C GLU A 10 6.23 4.59 -0.46
N GLU A 11 6.13 3.87 0.65
CA GLU A 11 6.55 2.45 0.74
C GLU A 11 5.51 1.53 0.07
N ALA A 12 4.33 2.11 -0.24
CA ALA A 12 3.20 1.43 -0.89
C ALA A 12 3.56 0.92 -2.29
N ARG A 13 3.83 1.88 -3.20
CA ARG A 13 4.12 1.59 -4.62
C ARG A 13 5.54 1.04 -4.78
N LYS A 14 6.41 1.35 -3.79
CA LYS A 14 7.75 0.74 -3.64
C LYS A 14 7.63 -0.80 -3.48
N ALA A 15 6.80 -1.20 -2.49
CA ALA A 15 6.56 -2.62 -2.17
C ALA A 15 5.83 -3.31 -3.31
N GLU A 16 4.91 -2.58 -3.97
CA GLU A 16 4.07 -3.11 -5.07
C GLU A 16 4.91 -3.62 -6.27
N LYS A 17 6.11 -3.04 -6.45
CA LYS A 17 7.07 -3.47 -7.49
C LYS A 17 7.57 -4.92 -7.25
N GLU A 18 7.56 -5.33 -5.99
CA GLU A 18 7.92 -6.69 -5.55
C GLU A 18 6.65 -7.55 -5.47
N LEU A 19 5.58 -6.95 -4.92
CA LEU A 19 4.30 -7.64 -4.63
C LEU A 19 3.57 -8.05 -5.93
N ARG A 20 3.83 -7.34 -7.04
CA ARG A 20 3.22 -7.65 -8.37
C ARG A 20 3.60 -9.06 -8.86
N LYS A 21 4.78 -9.53 -8.42
CA LYS A 21 5.28 -10.88 -8.71
C LYS A 21 4.38 -11.96 -8.06
N GLU A 22 3.99 -11.70 -6.81
CA GLU A 22 3.20 -12.65 -6.00
C GLU A 22 1.74 -12.14 -5.86
N ASN A 23 1.51 -11.17 -4.95
CA ASN A 23 0.15 -10.70 -4.61
C ASN A 23 0.19 -9.20 -4.24
N ARG A 24 -0.29 -8.33 -5.17
CA ARG A 24 -0.27 -6.86 -5.00
C ARG A 24 -1.62 -6.33 -4.48
N ARG A 25 -2.07 -6.86 -3.33
CA ARG A 25 -3.31 -6.40 -2.68
C ARG A 25 -3.04 -5.18 -1.78
N VAL A 26 -2.48 -4.11 -2.38
CA VAL A 26 -2.21 -2.83 -1.71
C VAL A 26 -3.31 -1.82 -2.11
N THR A 27 -4.30 -1.65 -1.22
CA THR A 27 -5.47 -0.79 -1.48
C THR A 27 -5.25 0.59 -0.85
N VAL A 28 -4.97 1.60 -1.70
CA VAL A 28 -4.78 2.98 -1.25
C VAL A 28 -6.14 3.72 -1.21
N THR A 29 -6.75 3.66 -0.02
CA THR A 29 -7.97 4.41 0.28
C THR A 29 -7.59 5.83 0.72
N GLN A 30 -8.33 6.83 0.23
CA GLN A 30 -8.12 8.26 0.58
C GLN A 30 -9.03 8.67 1.77
N GLU A 31 -9.27 7.68 2.67
CA GLU A 31 -10.15 7.82 3.86
C GLU A 31 -9.70 8.99 4.76
N ASN A 32 -8.42 8.96 5.13
CA ASN A 32 -7.78 10.00 5.96
C ASN A 32 -7.44 11.26 5.13
N GLY A 33 -7.45 11.09 3.80
CA GLY A 33 -6.93 12.08 2.86
C GLY A 33 -5.50 11.74 2.45
N ARG A 34 -4.78 11.08 3.36
CA ARG A 34 -3.39 10.61 3.18
C ARG A 34 -3.40 9.26 2.47
N TRP A 35 -2.20 8.73 2.17
CA TRP A 35 -2.04 7.44 1.51
C TRP A 35 -2.24 6.30 2.53
N ARG A 36 -3.51 6.02 2.83
CA ARG A 36 -3.91 4.89 3.67
C ARG A 36 -3.94 3.64 2.79
N VAL A 37 -2.84 2.92 2.80
CA VAL A 37 -2.61 1.79 1.90
C VAL A 37 -2.74 0.50 2.71
N THR A 38 -3.97 -0.01 2.77
CA THR A 38 -4.28 -1.24 3.45
C THR A 38 -3.89 -2.42 2.55
N TRP A 39 -2.74 -3.04 2.88
CA TRP A 39 -2.28 -4.24 2.19
C TRP A 39 -2.84 -5.44 2.93
N ASP A 40 -3.39 -6.41 2.19
CA ASP A 40 -4.05 -7.58 2.78
C ASP A 40 -3.03 -8.49 3.49
N THR A 1 1.18 -6.56 11.04
CA THR A 1 0.42 -5.54 10.30
C THR A 1 0.58 -5.77 8.78
N GLN A 2 -0.51 -6.21 8.14
CA GLN A 2 -0.58 -6.43 6.67
C GLN A 2 -0.93 -5.12 5.94
N THR A 3 -1.01 -4.04 6.71
CA THR A 3 -1.49 -2.75 6.24
C THR A 3 -0.55 -1.66 6.79
N GLN A 4 0.17 -0.97 5.87
CA GLN A 4 1.18 0.04 6.25
C GLN A 4 0.65 1.44 5.91
N GLU A 5 0.57 2.31 6.94
CA GLU A 5 0.17 3.70 6.75
C GLU A 5 1.39 4.55 6.37
N PHE A 6 1.53 4.80 5.06
CA PHE A 6 2.67 5.54 4.48
C PHE A 6 2.50 7.07 4.60
N ASP A 7 3.65 7.76 4.68
CA ASP A 7 3.77 9.23 4.63
C ASP A 7 3.70 9.75 3.19
N ASN A 8 3.70 8.79 2.22
CA ASN A 8 3.62 9.04 0.77
C ASN A 8 4.92 9.67 0.23
N GLU A 9 6.07 9.26 0.81
CA GLU A 9 7.40 9.72 0.38
C GLU A 9 8.03 8.68 -0.58
N GLU A 10 7.16 8.09 -1.45
CA GLU A 10 7.56 7.12 -2.51
C GLU A 10 8.02 5.76 -1.88
N GLU A 11 7.61 5.52 -0.62
CA GLU A 11 7.94 4.28 0.12
C GLU A 11 6.88 3.18 -0.08
N ALA A 12 5.70 3.58 -0.61
CA ALA A 12 4.62 2.63 -0.99
C ALA A 12 5.04 1.77 -2.20
N ARG A 13 6.05 2.27 -2.95
CA ARG A 13 6.63 1.57 -4.12
C ARG A 13 7.49 0.37 -3.65
N LYS A 14 8.10 0.51 -2.46
CA LYS A 14 8.91 -0.54 -1.80
C LYS A 14 8.05 -1.77 -1.46
N ALA A 15 6.80 -1.54 -1.05
CA ALA A 15 5.81 -2.60 -0.84
C ALA A 15 5.31 -3.12 -2.21
N GLU A 16 4.97 -2.15 -3.08
CA GLU A 16 4.31 -2.40 -4.38
C GLU A 16 5.08 -3.39 -5.28
N LYS A 17 6.43 -3.35 -5.25
CA LYS A 17 7.28 -4.21 -6.11
C LYS A 17 6.97 -5.72 -5.91
N GLU A 18 6.71 -6.09 -4.64
CA GLU A 18 6.32 -7.45 -4.23
C GLU A 18 4.81 -7.65 -4.46
N LEU A 19 4.05 -6.56 -4.22
CA LEU A 19 2.59 -6.55 -4.29
C LEU A 19 2.07 -6.20 -5.72
N ARG A 20 2.95 -6.33 -6.73
CA ARG A 20 2.56 -6.36 -8.15
C ARG A 20 3.09 -7.67 -8.79
N LYS A 21 4.13 -8.25 -8.14
CA LYS A 21 4.89 -9.41 -8.65
C LYS A 21 3.97 -10.64 -8.81
N GLU A 22 3.45 -11.16 -7.68
CA GLU A 22 2.56 -12.34 -7.65
C GLU A 22 1.36 -12.07 -6.74
N ASN A 23 1.61 -11.34 -5.64
CA ASN A 23 0.56 -10.88 -4.72
C ASN A 23 0.04 -9.51 -5.17
N ARG A 24 -0.61 -9.46 -6.34
CA ARG A 24 -1.13 -8.19 -6.92
C ARG A 24 -2.42 -7.74 -6.19
N ARG A 25 -2.23 -7.30 -4.92
CA ARG A 25 -3.30 -6.90 -4.01
C ARG A 25 -2.83 -5.67 -3.20
N VAL A 26 -3.11 -4.48 -3.73
CA VAL A 26 -2.87 -3.19 -3.05
C VAL A 26 -4.22 -2.45 -2.87
N THR A 27 -4.79 -2.56 -1.66
CA THR A 27 -6.03 -1.86 -1.31
C THR A 27 -5.67 -0.53 -0.61
N VAL A 28 -5.86 0.60 -1.31
CA VAL A 28 -5.66 1.92 -0.71
C VAL A 28 -6.91 2.28 0.11
N THR A 29 -6.71 2.89 1.29
CA THR A 29 -7.82 3.33 2.14
C THR A 29 -8.53 4.52 1.45
N GLN A 30 -9.88 4.43 1.29
CA GLN A 30 -10.67 5.51 0.65
C GLN A 30 -10.94 6.62 1.70
N GLU A 31 -9.87 7.37 1.97
CA GLU A 31 -9.84 8.49 2.90
C GLU A 31 -8.51 9.22 2.67
N ASN A 32 -8.61 10.46 2.16
CA ASN A 32 -7.44 11.29 1.83
C ASN A 32 -6.74 11.74 3.12
N GLY A 33 -5.41 11.88 3.05
CA GLY A 33 -4.60 12.27 4.21
C GLY A 33 -3.48 11.28 4.44
N ARG A 34 -3.79 10.20 5.18
CA ARG A 34 -2.83 9.13 5.49
C ARG A 34 -2.92 8.05 4.38
N TRP A 35 -1.83 7.86 3.63
CA TRP A 35 -1.78 6.93 2.50
C TRP A 35 -1.50 5.50 2.99
N ARG A 36 -2.53 4.89 3.56
CA ARG A 36 -2.47 3.53 4.11
C ARG A 36 -2.87 2.52 3.02
N VAL A 37 -1.95 1.60 2.72
CA VAL A 37 -2.18 0.51 1.76
C VAL A 37 -2.30 -0.83 2.52
N THR A 38 -3.54 -1.36 2.57
CA THR A 38 -3.82 -2.70 3.07
C THR A 38 -3.51 -3.74 1.97
N TRP A 39 -2.40 -4.44 2.12
CA TRP A 39 -1.90 -5.37 1.10
C TRP A 39 -2.02 -6.84 1.59
N ASP A 40 -1.92 -7.78 0.64
CA ASP A 40 -2.06 -9.22 0.93
C ASP A 40 -1.14 -10.03 -0.01
N THR A 1 -0.84 -5.26 9.90
CA THR A 1 -2.14 -5.78 9.43
C THR A 1 -2.15 -5.90 7.90
N GLN A 2 -3.30 -6.36 7.35
CA GLN A 2 -3.56 -6.34 5.90
C GLN A 2 -3.64 -4.89 5.38
N THR A 3 -4.05 -3.97 6.27
CA THR A 3 -4.14 -2.54 6.00
C THR A 3 -2.85 -1.83 6.47
N GLN A 4 -1.90 -1.66 5.55
CA GLN A 4 -0.62 -0.98 5.80
C GLN A 4 -0.64 0.42 5.16
N GLU A 5 -0.66 1.47 5.99
CA GLU A 5 -0.67 2.86 5.53
C GLU A 5 0.75 3.43 5.40
N PHE A 6 0.95 4.24 4.36
CA PHE A 6 2.24 4.88 4.06
C PHE A 6 2.01 6.38 3.88
N ASP A 7 2.86 7.19 4.52
CA ASP A 7 2.72 8.65 4.66
C ASP A 7 2.98 9.40 3.31
N ASN A 8 3.03 10.76 3.39
CA ASN A 8 3.39 11.70 2.29
C ASN A 8 4.64 11.26 1.48
N GLU A 9 5.52 10.44 2.11
CA GLU A 9 6.79 10.01 1.50
C GLU A 9 6.56 9.04 0.31
N GLU A 10 5.29 8.59 0.13
CA GLU A 10 4.83 7.82 -1.02
C GLU A 10 5.51 6.42 -1.09
N GLU A 11 5.84 5.89 0.11
CA GLU A 11 6.41 4.54 0.28
C GLU A 11 5.39 3.43 -0.06
N ALA A 12 4.13 3.84 -0.29
CA ALA A 12 3.06 2.97 -0.78
C ALA A 12 3.36 2.40 -2.17
N ARG A 13 4.02 3.23 -3.00
CA ARG A 13 4.42 2.84 -4.37
C ARG A 13 5.63 1.88 -4.34
N LYS A 14 6.55 2.08 -3.38
CA LYS A 14 7.71 1.18 -3.15
C LYS A 14 7.22 -0.21 -2.70
N ALA A 15 6.24 -0.20 -1.77
CA ALA A 15 5.59 -1.40 -1.27
C ALA A 15 4.91 -2.15 -2.41
N GLU A 16 4.01 -1.44 -3.10
CA GLU A 16 3.20 -1.94 -4.24
C GLU A 16 4.09 -2.52 -5.38
N LYS A 17 5.27 -1.91 -5.58
CA LYS A 17 6.25 -2.29 -6.63
C LYS A 17 6.71 -3.76 -6.46
N GLU A 18 6.77 -4.20 -5.19
CA GLU A 18 7.22 -5.55 -4.79
C GLU A 18 6.00 -6.42 -4.38
N LEU A 19 4.93 -5.75 -3.92
CA LEU A 19 3.67 -6.38 -3.46
C LEU A 19 2.76 -6.76 -4.64
N ARG A 20 3.07 -6.25 -5.85
CA ARG A 20 2.36 -6.65 -7.07
C ARG A 20 2.74 -8.10 -7.47
N LYS A 21 3.96 -8.51 -7.08
CA LYS A 21 4.53 -9.82 -7.44
C LYS A 21 4.12 -10.88 -6.41
N GLU A 22 3.55 -12.01 -6.89
CA GLU A 22 3.22 -13.21 -6.09
C GLU A 22 2.12 -12.96 -5.02
N ASN A 23 1.40 -11.84 -5.12
CA ASN A 23 0.25 -11.50 -4.24
C ASN A 23 -1.04 -11.46 -5.06
N ARG A 24 -2.18 -11.61 -4.37
CA ARG A 24 -3.51 -11.70 -5.00
C ARG A 24 -4.01 -10.31 -5.46
N ARG A 25 -4.30 -9.43 -4.49
CA ARG A 25 -4.77 -8.06 -4.79
C ARG A 25 -4.28 -7.08 -3.72
N VAL A 26 -3.27 -6.28 -4.05
CA VAL A 26 -2.83 -5.14 -3.24
C VAL A 26 -3.46 -3.87 -3.83
N THR A 27 -4.00 -3.00 -2.97
CA THR A 27 -4.71 -1.78 -3.41
C THR A 27 -4.27 -0.56 -2.58
N VAL A 28 -3.53 0.35 -3.22
CA VAL A 28 -3.22 1.67 -2.63
C VAL A 28 -4.48 2.54 -2.65
N THR A 29 -4.89 3.02 -1.47
CA THR A 29 -6.05 3.91 -1.31
C THR A 29 -5.76 4.90 -0.18
N GLN A 30 -5.70 6.19 -0.53
CA GLN A 30 -5.50 7.29 0.43
C GLN A 30 -6.52 7.24 1.59
N GLU A 31 -6.01 7.44 2.80
CA GLU A 31 -6.82 7.41 4.03
C GLU A 31 -6.24 8.46 4.97
N ASN A 32 -6.95 9.61 5.05
CA ASN A 32 -6.57 10.77 5.89
C ASN A 32 -5.16 11.29 5.50
N GLY A 33 -4.88 11.23 4.18
CA GLY A 33 -3.62 11.68 3.61
C GLY A 33 -2.65 10.53 3.34
N ARG A 34 -2.65 9.52 4.23
CA ARG A 34 -1.71 8.39 4.16
C ARG A 34 -2.21 7.34 3.17
N TRP A 35 -1.45 7.13 2.07
CA TRP A 35 -1.76 6.15 1.04
C TRP A 35 -1.68 4.72 1.60
N ARG A 36 -2.85 4.21 1.97
CA ARG A 36 -3.02 2.94 2.68
C ARG A 36 -3.17 1.79 1.68
N VAL A 37 -2.13 0.94 1.60
CA VAL A 37 -2.12 -0.27 0.76
C VAL A 37 -2.73 -1.45 1.53
N THR A 38 -3.96 -1.82 1.17
CA THR A 38 -4.62 -3.04 1.66
C THR A 38 -4.19 -4.22 0.79
N TRP A 39 -3.32 -5.09 1.32
CA TRP A 39 -2.84 -6.28 0.61
C TRP A 39 -3.71 -7.50 0.93
N ASP A 40 -4.03 -8.29 -0.12
CA ASP A 40 -4.68 -9.61 -0.01
C ASP A 40 -3.61 -10.68 -0.25
N THR A 1 -5.79 -6.77 9.39
CA THR A 1 -4.42 -6.36 9.80
C THR A 1 -3.42 -6.47 8.61
N GLN A 2 -3.94 -6.87 7.42
CA GLN A 2 -3.12 -6.95 6.18
C GLN A 2 -3.16 -5.59 5.41
N THR A 3 -3.11 -4.50 6.19
CA THR A 3 -3.18 -3.13 5.70
C THR A 3 -2.17 -2.26 6.46
N GLN A 4 -1.34 -1.52 5.71
CA GLN A 4 -0.29 -0.64 6.26
C GLN A 4 -0.53 0.81 5.79
N GLU A 5 -0.38 1.74 6.75
CA GLU A 5 -0.50 3.19 6.52
C GLU A 5 0.85 3.75 6.03
N PHE A 6 0.83 4.53 4.92
CA PHE A 6 2.02 5.19 4.38
C PHE A 6 1.64 6.60 3.87
N ASP A 7 2.58 7.54 4.03
CA ASP A 7 2.46 8.92 3.55
C ASP A 7 3.86 9.57 3.47
N ASN A 8 4.17 10.16 2.31
CA ASN A 8 5.40 10.97 2.03
C ASN A 8 6.69 10.11 1.86
N GLU A 9 6.85 9.03 2.63
CA GLU A 9 8.09 8.22 2.68
C GLU A 9 8.25 7.31 1.43
N GLU A 10 7.17 7.17 0.63
CA GLU A 10 7.17 6.47 -0.69
C GLU A 10 7.31 4.93 -0.55
N GLU A 11 7.15 4.40 0.68
CA GLU A 11 7.21 2.95 0.97
C GLU A 11 6.05 2.19 0.27
N ALA A 12 4.90 2.88 0.14
CA ALA A 12 3.72 2.38 -0.58
C ALA A 12 4.02 2.14 -2.07
N ARG A 13 4.85 3.04 -2.65
CA ARG A 13 5.25 2.99 -4.08
C ARG A 13 6.31 1.92 -4.34
N LYS A 14 7.14 1.65 -3.32
CA LYS A 14 8.17 0.58 -3.34
C LYS A 14 7.49 -0.81 -3.37
N ALA A 15 6.46 -0.96 -2.52
CA ALA A 15 5.64 -2.18 -2.45
C ALA A 15 4.81 -2.33 -3.75
N GLU A 16 4.21 -1.19 -4.19
CA GLU A 16 3.34 -1.08 -5.40
C GLU A 16 3.98 -1.75 -6.64
N LYS A 17 5.30 -1.57 -6.75
CA LYS A 17 6.10 -2.05 -7.89
C LYS A 17 6.04 -3.60 -8.04
N GLU A 18 6.28 -4.32 -6.91
CA GLU A 18 6.48 -5.79 -6.91
C GLU A 18 5.59 -6.49 -5.86
N LEU A 19 4.45 -5.88 -5.50
CA LEU A 19 3.48 -6.52 -4.60
C LEU A 19 2.76 -7.65 -5.34
N ARG A 20 2.51 -7.46 -6.64
CA ARG A 20 1.92 -8.51 -7.51
C ARG A 20 2.96 -9.63 -7.84
N LYS A 21 4.21 -9.47 -7.37
CA LYS A 21 5.25 -10.51 -7.44
C LYS A 21 5.21 -11.37 -6.15
N GLU A 22 4.82 -10.73 -5.03
CA GLU A 22 4.70 -11.40 -3.72
C GLU A 22 3.24 -11.90 -3.50
N ASN A 23 2.33 -10.94 -3.32
CA ASN A 23 0.89 -11.16 -3.09
C ASN A 23 0.09 -10.90 -4.39
N ARG A 24 -1.25 -10.83 -4.28
CA ARG A 24 -2.16 -10.72 -5.45
C ARG A 24 -2.20 -9.27 -6.00
N ARG A 25 -2.66 -8.31 -5.17
CA ARG A 25 -2.95 -6.93 -5.60
C ARG A 25 -3.01 -5.97 -4.40
N VAL A 26 -2.72 -4.68 -4.65
CA VAL A 26 -2.90 -3.59 -3.66
C VAL A 26 -4.28 -2.90 -3.87
N THR A 27 -4.90 -2.50 -2.77
CA THR A 27 -6.14 -1.71 -2.78
C THR A 27 -6.01 -0.57 -1.75
N VAL A 28 -5.84 0.67 -2.23
CA VAL A 28 -5.71 1.84 -1.35
C VAL A 28 -7.08 2.24 -0.76
N THR A 29 -7.14 2.34 0.57
CA THR A 29 -8.31 2.86 1.29
C THR A 29 -8.32 4.39 1.21
N GLN A 30 -9.52 4.96 0.97
CA GLN A 30 -9.73 6.42 0.89
C GLN A 30 -9.47 7.10 2.27
N GLU A 31 -8.19 7.36 2.54
CA GLU A 31 -7.73 7.98 3.79
C GLU A 31 -7.21 9.38 3.48
N ASN A 32 -7.65 10.37 4.29
CA ASN A 32 -7.30 11.78 4.08
C ASN A 32 -5.89 12.04 4.64
N GLY A 33 -4.97 12.44 3.75
CA GLY A 33 -3.58 12.75 4.12
C GLY A 33 -2.62 11.59 3.86
N ARG A 34 -3.10 10.36 4.05
CA ARG A 34 -2.28 9.15 3.96
C ARG A 34 -2.71 8.29 2.75
N TRP A 35 -1.71 7.83 1.98
CA TRP A 35 -1.90 6.80 0.95
C TRP A 35 -1.85 5.44 1.67
N ARG A 36 -2.95 5.14 2.38
CA ARG A 36 -3.08 3.96 3.26
C ARG A 36 -3.45 2.74 2.41
N VAL A 37 -2.48 1.85 2.21
CA VAL A 37 -2.61 0.70 1.30
C VAL A 37 -3.06 -0.55 2.05
N THR A 38 -4.20 -1.10 1.64
CA THR A 38 -4.66 -2.43 2.06
C THR A 38 -4.33 -3.42 0.93
N TRP A 39 -3.26 -4.22 1.10
CA TRP A 39 -2.89 -5.23 0.10
C TRP A 39 -3.77 -6.48 0.26
N ASP A 40 -3.64 -7.38 -0.69
CA ASP A 40 -4.44 -8.61 -0.77
C ASP A 40 -3.57 -9.73 -1.38
N THR A 1 -0.64 -6.79 10.44
CA THR A 1 -1.79 -5.92 10.08
C THR A 1 -1.98 -5.90 8.56
N GLN A 2 -3.25 -5.83 8.10
CA GLN A 2 -3.57 -5.70 6.66
C GLN A 2 -3.36 -4.26 6.20
N THR A 3 -3.88 -3.32 6.98
CA THR A 3 -3.75 -1.88 6.72
C THR A 3 -2.38 -1.39 7.20
N GLN A 4 -1.65 -0.72 6.31
CA GLN A 4 -0.39 -0.05 6.64
C GLN A 4 -0.36 1.33 5.98
N GLU A 5 -0.02 2.35 6.78
CA GLU A 5 0.08 3.73 6.32
C GLU A 5 1.44 3.96 5.69
N PHE A 6 1.46 4.64 4.56
CA PHE A 6 2.66 5.05 3.86
C PHE A 6 2.59 6.55 3.59
N ASP A 7 3.67 7.25 3.93
CA ASP A 7 3.81 8.68 3.70
C ASP A 7 4.07 8.96 2.21
N ASN A 8 3.86 10.21 1.79
CA ASN A 8 3.96 10.64 0.37
C ASN A 8 5.43 10.66 -0.12
N GLU A 9 6.37 10.30 0.79
CA GLU A 9 7.82 10.18 0.51
C GLU A 9 8.14 8.80 -0.18
N GLU A 10 7.24 8.35 -1.09
CA GLU A 10 7.47 7.20 -2.01
C GLU A 10 7.52 5.83 -1.26
N GLU A 11 7.10 5.83 0.03
CA GLU A 11 7.04 4.60 0.85
C GLU A 11 6.00 3.61 0.27
N ALA A 12 4.97 4.19 -0.36
CA ALA A 12 3.91 3.48 -1.10
C ALA A 12 4.49 2.51 -2.14
N ARG A 13 5.49 3.02 -2.90
CA ARG A 13 6.10 2.30 -4.02
C ARG A 13 6.92 1.08 -3.56
N LYS A 14 7.47 1.19 -2.34
CA LYS A 14 8.32 0.15 -1.75
C LYS A 14 7.49 -1.13 -1.47
N ALA A 15 6.31 -0.95 -0.84
CA ALA A 15 5.38 -2.06 -0.54
C ALA A 15 4.66 -2.55 -1.80
N GLU A 16 4.36 -1.60 -2.70
CA GLU A 16 3.72 -1.88 -4.00
C GLU A 16 4.60 -2.81 -4.86
N LYS A 17 5.92 -2.65 -4.71
CA LYS A 17 6.94 -3.44 -5.42
C LYS A 17 7.04 -4.88 -4.83
N GLU A 18 6.61 -5.05 -3.57
CA GLU A 18 6.59 -6.36 -2.89
C GLU A 18 5.29 -7.12 -3.23
N LEU A 19 4.16 -6.39 -3.19
CA LEU A 19 2.80 -6.94 -3.39
C LEU A 19 2.41 -7.00 -4.88
N ARG A 20 3.40 -6.86 -5.78
CA ARG A 20 3.22 -7.17 -7.22
C ARG A 20 3.82 -8.56 -7.54
N LYS A 21 4.46 -9.20 -6.52
CA LYS A 21 4.95 -10.58 -6.64
C LYS A 21 3.74 -11.52 -6.75
N GLU A 22 3.49 -12.06 -7.97
CA GLU A 22 2.46 -13.08 -8.27
C GLU A 22 1.02 -12.54 -8.26
N ASN A 23 0.78 -11.46 -7.49
CA ASN A 23 -0.55 -10.89 -7.27
C ASN A 23 -0.51 -9.36 -7.39
N ARG A 24 -1.66 -8.71 -7.21
CA ARG A 24 -1.79 -7.25 -7.20
C ARG A 24 -2.59 -6.86 -5.95
N ARG A 25 -2.23 -7.48 -4.81
CA ARG A 25 -2.99 -7.41 -3.56
C ARG A 25 -2.64 -6.10 -2.79
N VAL A 26 -3.00 -4.97 -3.39
CA VAL A 26 -2.87 -3.62 -2.81
C VAL A 26 -4.21 -2.87 -2.99
N THR A 27 -5.02 -2.84 -1.92
CA THR A 27 -6.29 -2.10 -1.89
C THR A 27 -6.04 -0.72 -1.26
N VAL A 28 -6.03 0.33 -2.09
CA VAL A 28 -5.75 1.70 -1.63
C VAL A 28 -7.01 2.31 -0.94
N THR A 29 -7.08 2.08 0.39
CA THR A 29 -8.13 2.68 1.24
C THR A 29 -7.68 4.09 1.66
N GLN A 30 -7.80 5.01 0.68
CA GLN A 30 -7.38 6.42 0.79
C GLN A 30 -8.43 7.29 1.55
N GLU A 31 -8.85 6.79 2.72
CA GLU A 31 -9.88 7.45 3.56
C GLU A 31 -9.33 8.73 4.25
N ASN A 32 -7.99 8.89 4.22
CA ASN A 32 -7.25 10.04 4.78
C ASN A 32 -6.23 10.54 3.73
N GLY A 33 -5.52 11.66 4.01
CA GLY A 33 -4.42 12.16 3.16
C GLY A 33 -3.11 11.39 3.37
N ARG A 34 -3.20 10.06 3.24
CA ARG A 34 -2.11 9.08 3.44
C ARG A 34 -2.36 7.87 2.55
N TRP A 35 -1.29 7.20 2.08
CA TRP A 35 -1.40 5.94 1.34
C TRP A 35 -1.57 4.78 2.36
N ARG A 36 -2.79 4.65 2.90
CA ARG A 36 -3.16 3.55 3.79
C ARG A 36 -3.71 2.42 2.94
N VAL A 37 -2.85 1.43 2.67
CA VAL A 37 -3.16 0.32 1.78
C VAL A 37 -3.46 -0.96 2.60
N THR A 38 -4.60 -1.57 2.30
CA THR A 38 -4.98 -2.88 2.83
C THR A 38 -4.39 -3.97 1.89
N TRP A 39 -3.32 -4.61 2.36
CA TRP A 39 -2.69 -5.76 1.70
C TRP A 39 -2.93 -7.00 2.58
N ASP A 40 -3.40 -8.10 1.96
CA ASP A 40 -3.89 -9.27 2.71
C ASP A 40 -3.36 -10.58 2.07
#